data_3N40
#
_entry.id   3N40
#
_cell.length_a   58.740
_cell.length_b   90.010
_cell.length_c   179.030
_cell.angle_alpha   90.00
_cell.angle_beta   90.00
_cell.angle_gamma   90.00
#
_symmetry.space_group_name_H-M   'P 21 21 21'
#
loop_
_entity.id
_entity.type
_entity.pdbx_description
1 polymer 'P62 envelope glycoprotein'
2 polymer 'E1 envelope glycoprotein'
3 branched 2-acetamido-2-deoxy-beta-D-glucopyranose-(1-4)-2-acetamido-2-deoxy-beta-D-glucopyranose
4 branched 2-acetamido-2-deoxy-alpha-D-glucopyranose-(1-4)-2-acetamido-2-deoxy-beta-D-glucopyranose
5 non-polymer 2-acetamido-2-deoxy-beta-D-glucopyranose
6 non-polymer 'ACETATE ION'
7 water water
#
loop_
_entity_poly.entity_id
_entity_poly.type
_entity_poly.pdbx_seq_one_letter_code
_entity_poly.pdbx_strand_id
1 'polypeptide(L)'
;PVMCLLANTTFPCSQPPCTPCCYEKEPEETLRMLEDNVMRPGYYQLLQASLTCSPHRQRESTKDNFNVYKATRPYLAHCP
DCGEGHSCHSPVALERIRNEATDGTLKIQVSLQIGIKTDDSHDWTKLRYMDNHMPADAERAGLFVRTSAPCTITGTMGHF
ILARCPKGETLTVGFTDSRKISHSCTHPFHHDPPVIGREKFHSRPQHGKELPCSTYVQSTAATTEEIEVHMPPDTPDRTL
MSQQSGNVKITVNGQTVRYKCNCGGSNEGLTTTDKVINNCKVDQCHAAVTNHKKWQYNSPLVPRNAELGDRKGKIHIPFP
LANVTCRVPKARNPTVTYGKNQVIMLLYPDHPTLLSYRNMGEEPNYQEEWVMHKKEVVLTVPTEGLEVTWGNNEPYKYWP
Q
;
P
2 'polypeptide(L)'
;GGYEHVTVIPNTVGVPYKTLVNRPGYSPMVLEMELLSVTLEPTLSLDYITCEYKTVIPSPYVKCCGTAECKDKNLPDYSC
KVFTGVYPFMWGGAYCFCDAENTQLSEAHVEKSESCKTEFASAYRAHTASASAKLRVLYQGNNITVTAYANGDHAVTVKD
AKFIVGPMSSAWTPFDNKIVVYKGDVYNMDYPPFGAGRPGQFGDIQSRTPESKDVYANTQLVLQRPAAGTVHVPYSQAPS
GFKYWLKERGASLQHTAPFGCQIATNPVRAVNCAVGNMPISIDIPEAAFTRVVDAPSLTDMSCEVPACTHSSDFGGVAII
KYAASKKGKCAVHSMTNAVTIREAEIEVEGNSQLQISFSTALASAEFRVQVCSTQVHCAAECHPPKDHIVNYP
;
F
#
# COMPACT_ATOMS: atom_id res chain seq x y z
N PRO A 1 -3.92 -19.42 30.34
CA PRO A 1 -5.19 -20.13 30.11
C PRO A 1 -6.27 -19.21 29.53
N VAL A 2 -6.75 -19.54 28.31
CA VAL A 2 -7.78 -18.78 27.61
C VAL A 2 -9.15 -19.40 27.90
N MET A 3 -10.08 -18.61 28.46
CA MET A 3 -11.40 -19.07 28.87
C MET A 3 -12.57 -18.64 27.98
N CYS A 4 -13.51 -19.57 27.74
CA CYS A 4 -14.73 -19.37 26.95
C CYS A 4 -15.97 -19.59 27.83
N LEU A 5 -17.15 -19.17 27.35
CA LEU A 5 -18.40 -19.26 28.11
C LEU A 5 -19.46 -20.19 27.50
N LEU A 6 -20.12 -20.98 28.35
CA LEU A 6 -21.23 -21.88 28.00
C LEU A 6 -22.26 -21.82 29.12
N ALA A 7 -23.38 -21.10 28.85
CA ALA A 7 -24.50 -20.85 29.75
C ALA A 7 -24.06 -20.19 31.07
N ASN A 8 -24.00 -20.96 32.17
CA ASN A 8 -23.61 -20.47 33.49
C ASN A 8 -22.16 -20.91 33.87
N THR A 9 -21.41 -21.51 32.91
CA THR A 9 -20.04 -22.00 33.14
C THR A 9 -18.97 -21.33 32.27
N THR A 10 -17.70 -21.45 32.72
CA THR A 10 -16.49 -21.03 32.02
C THR A 10 -15.66 -22.30 31.79
N PHE A 11 -14.98 -22.40 30.63
CA PHE A 11 -14.21 -23.59 30.26
C PHE A 11 -13.02 -23.21 29.35
N PRO A 12 -11.97 -24.05 29.16
CA PRO A 12 -10.88 -23.67 28.24
C PRO A 12 -11.39 -23.70 26.81
N CYS A 13 -11.22 -22.57 26.07
CA CYS A 13 -11.68 -22.39 24.69
C CYS A 13 -11.36 -23.57 23.76
N SER A 14 -10.11 -24.08 23.83
CA SER A 14 -9.64 -25.21 23.03
C SER A 14 -10.26 -26.55 23.45
N GLN A 15 -10.92 -26.59 24.63
CA GLN A 15 -11.52 -27.81 25.16
C GLN A 15 -13.03 -27.69 25.51
N PRO A 16 -13.95 -27.54 24.52
CA PRO A 16 -15.38 -27.51 24.86
C PRO A 16 -15.88 -28.87 25.32
N PRO A 17 -16.89 -28.95 26.23
CA PRO A 17 -17.33 -30.27 26.73
C PRO A 17 -17.99 -31.22 25.73
N CYS A 18 -18.41 -30.68 24.57
CA CYS A 18 -19.07 -31.44 23.49
C CYS A 18 -18.12 -32.34 22.68
N THR A 19 -16.79 -32.11 22.77
CA THR A 19 -15.77 -32.86 22.03
C THR A 19 -15.80 -34.38 22.26
N PRO A 20 -15.59 -35.21 21.20
CA PRO A 20 -15.32 -34.86 19.80
C PRO A 20 -16.58 -34.65 18.95
N CYS A 21 -16.41 -34.06 17.74
CA CYS A 21 -17.46 -33.81 16.75
C CYS A 21 -18.66 -33.05 17.35
N CYS A 22 -18.40 -31.85 17.90
CA CYS A 22 -19.41 -30.97 18.52
C CYS A 22 -20.57 -30.70 17.57
N TYR A 23 -20.24 -30.29 16.33
CA TYR A 23 -21.22 -29.95 15.30
C TYR A 23 -22.03 -31.16 14.82
N GLU A 24 -21.38 -32.32 14.62
CA GLU A 24 -22.05 -33.56 14.17
C GLU A 24 -23.09 -34.02 15.18
N LYS A 25 -22.76 -33.94 16.49
CA LYS A 25 -23.64 -34.35 17.60
C LYS A 25 -24.83 -33.41 17.74
N GLU A 26 -24.56 -32.10 17.97
CA GLU A 26 -25.59 -31.07 18.17
C GLU A 26 -25.25 -29.83 17.32
N PRO A 27 -25.71 -29.76 16.05
CA PRO A 27 -25.36 -28.60 15.20
C PRO A 27 -25.87 -27.25 15.70
N GLU A 28 -27.15 -27.19 16.15
CA GLU A 28 -27.76 -25.95 16.66
C GLU A 28 -27.05 -25.45 17.93
N GLU A 29 -26.85 -26.35 18.93
CA GLU A 29 -26.18 -26.08 20.21
C GLU A 29 -24.75 -25.56 20.04
N THR A 30 -23.99 -26.15 19.10
CA THR A 30 -22.60 -25.79 18.80
C THR A 30 -22.52 -24.36 18.26
N LEU A 31 -23.38 -24.03 17.28
CA LEU A 31 -23.44 -22.70 16.67
C LEU A 31 -23.87 -21.64 17.69
N ARG A 32 -24.84 -21.97 18.56
CA ARG A 32 -25.32 -21.09 19.63
C ARG A 32 -24.17 -20.78 20.61
N MET A 33 -23.38 -21.81 20.98
CA MET A 33 -22.22 -21.70 21.87
C MET A 33 -21.15 -20.78 21.25
N LEU A 34 -20.87 -20.96 19.95
CA LEU A 34 -19.90 -20.15 19.20
C LEU A 34 -20.32 -18.68 19.13
N GLU A 35 -21.64 -18.43 18.91
CA GLU A 35 -22.22 -17.09 18.85
C GLU A 35 -22.07 -16.35 20.19
N ASP A 36 -22.17 -17.11 21.31
CA ASP A 36 -22.04 -16.58 22.67
C ASP A 36 -20.59 -16.18 23.02
N ASN A 37 -19.61 -16.66 22.24
CA ASN A 37 -18.19 -16.39 22.46
C ASN A 37 -17.54 -15.57 21.34
N VAL A 38 -18.35 -14.92 20.47
CA VAL A 38 -17.89 -14.10 19.34
C VAL A 38 -16.96 -12.94 19.74
N MET A 39 -17.19 -12.35 20.92
CA MET A 39 -16.41 -11.21 21.43
C MET A 39 -15.18 -11.64 22.26
N ARG A 40 -15.13 -12.93 22.66
CA ARG A 40 -14.05 -13.51 23.47
C ARG A 40 -12.73 -13.64 22.69
N PRO A 41 -11.56 -13.31 23.31
CA PRO A 41 -10.27 -13.42 22.61
C PRO A 41 -9.91 -14.82 22.10
N GLY A 42 -10.43 -15.85 22.77
CA GLY A 42 -10.19 -17.23 22.40
C GLY A 42 -11.26 -17.86 21.53
N TYR A 43 -12.00 -17.02 20.76
CA TYR A 43 -13.07 -17.47 19.87
C TYR A 43 -12.57 -18.45 18.80
N TYR A 44 -11.43 -18.12 18.15
CA TYR A 44 -10.86 -18.97 17.09
C TYR A 44 -10.31 -20.30 17.58
N GLN A 45 -9.96 -20.38 18.88
CA GLN A 45 -9.50 -21.62 19.51
C GLN A 45 -10.74 -22.51 19.70
N LEU A 46 -11.89 -21.90 20.05
CA LEU A 46 -13.18 -22.57 20.23
C LEU A 46 -13.75 -23.02 18.88
N LEU A 47 -13.64 -22.16 17.84
CA LEU A 47 -14.12 -22.46 16.48
C LEU A 47 -13.38 -23.66 15.90
N GLN A 48 -12.04 -23.71 16.09
CA GLN A 48 -11.17 -24.79 15.63
C GLN A 48 -11.57 -26.13 16.28
N ALA A 49 -11.71 -26.16 17.61
CA ALA A 49 -12.07 -27.35 18.37
C ALA A 49 -13.50 -27.85 18.11
N SER A 50 -14.48 -26.92 17.97
CA SER A 50 -15.89 -27.24 17.74
C SER A 50 -16.19 -27.77 16.33
N LEU A 51 -15.43 -27.29 15.33
CA LEU A 51 -15.62 -27.70 13.93
C LEU A 51 -14.62 -28.74 13.42
N THR A 52 -13.99 -29.47 14.36
CA THR A 52 -13.06 -30.57 14.10
C THR A 52 -13.77 -31.86 14.50
N CYS A 53 -13.72 -32.88 13.63
CA CYS A 53 -14.34 -34.16 13.91
C CYS A 53 -13.39 -35.33 13.76
N SER A 54 -12.99 -35.89 14.90
CA SER A 54 -12.15 -37.08 14.99
C SER A 54 -12.94 -38.05 15.89
N PRO A 55 -13.88 -38.82 15.30
CA PRO A 55 -14.74 -39.69 16.13
C PRO A 55 -14.04 -40.89 16.77
N HIS A 56 -14.70 -41.49 17.78
CA HIS A 56 -14.23 -42.67 18.51
C HIS A 56 -14.17 -43.90 17.61
N ARG A 57 -15.23 -44.11 16.79
CA ARG A 57 -15.38 -45.24 15.86
C ARG A 57 -14.54 -45.01 14.60
N GLN A 58 -13.22 -44.93 14.78
CA GLN A 58 -12.21 -44.67 13.74
C GLN A 58 -10.86 -45.19 14.24
N ARG A 59 -10.03 -45.75 13.34
CA ARG A 59 -8.70 -46.27 13.70
C ARG A 59 -7.72 -45.12 13.97
N GLU A 60 -7.63 -44.18 13.02
CA GLU A 60 -6.72 -43.04 13.03
C GLU A 60 -7.33 -41.75 13.60
N SER A 61 -6.48 -40.72 13.79
CA SER A 61 -6.87 -39.41 14.29
C SER A 61 -7.01 -38.42 13.15
N THR A 62 -8.11 -37.67 13.13
CA THR A 62 -8.38 -36.63 12.14
C THR A 62 -8.51 -35.29 12.90
N LYS A 63 -7.64 -35.09 13.91
CA LYS A 63 -7.59 -33.90 14.77
C LYS A 63 -7.27 -32.58 14.03
N ASP A 64 -6.76 -32.67 12.78
CA ASP A 64 -6.41 -31.52 11.96
C ASP A 64 -7.42 -31.29 10.82
N ASN A 65 -8.59 -31.96 10.88
CA ASN A 65 -9.64 -31.86 9.86
C ASN A 65 -10.64 -30.70 10.05
N PHE A 66 -10.23 -29.61 10.74
CA PHE A 66 -11.08 -28.42 10.95
C PHE A 66 -11.61 -27.94 9.62
N ASN A 67 -12.94 -28.05 9.45
CA ASN A 67 -13.63 -27.66 8.23
C ASN A 67 -14.80 -26.76 8.60
N VAL A 68 -14.61 -25.45 8.39
CA VAL A 68 -15.62 -24.43 8.69
C VAL A 68 -16.88 -24.57 7.80
N TYR A 69 -16.71 -25.18 6.61
CA TYR A 69 -17.77 -25.40 5.62
C TYR A 69 -18.82 -26.43 6.03
N LYS A 70 -18.58 -27.16 7.13
CA LYS A 70 -19.55 -28.11 7.66
C LYS A 70 -20.70 -27.34 8.34
N ALA A 71 -20.40 -26.14 8.88
CA ALA A 71 -21.33 -25.24 9.56
C ALA A 71 -21.96 -24.22 8.60
N THR A 72 -21.22 -23.79 7.57
CA THR A 72 -21.70 -22.81 6.59
C THR A 72 -22.37 -23.49 5.39
N ARG A 73 -23.05 -22.69 4.55
CA ARG A 73 -23.74 -23.19 3.37
C ARG A 73 -23.82 -22.15 2.24
N PRO A 74 -23.90 -22.56 0.94
CA PRO A 74 -24.13 -21.58 -0.12
C PRO A 74 -25.59 -21.10 -0.04
N TYR A 75 -25.90 -19.93 -0.60
CA TYR A 75 -27.27 -19.40 -0.48
C TYR A 75 -27.76 -18.65 -1.72
N LEU A 76 -29.06 -18.32 -1.72
CA LEU A 76 -29.73 -17.55 -2.76
C LEU A 76 -29.91 -16.14 -2.20
N ALA A 77 -29.59 -15.12 -3.00
CA ALA A 77 -29.70 -13.72 -2.60
C ALA A 77 -30.04 -12.85 -3.81
N HIS A 78 -30.51 -11.61 -3.55
CA HIS A 78 -30.88 -10.66 -4.59
C HIS A 78 -29.71 -10.25 -5.48
N CYS A 79 -29.98 -10.23 -6.79
CA CYS A 79 -29.07 -9.80 -7.84
C CYS A 79 -29.86 -8.87 -8.76
N PRO A 80 -29.41 -7.62 -9.04
CA PRO A 80 -30.21 -6.72 -9.89
C PRO A 80 -30.29 -7.11 -11.36
N ASP A 81 -29.30 -7.89 -11.85
CA ASP A 81 -29.22 -8.32 -13.25
C ASP A 81 -28.72 -9.77 -13.36
N CYS A 82 -29.65 -10.71 -13.61
CA CYS A 82 -29.35 -12.13 -13.78
C CYS A 82 -29.25 -12.48 -15.27
N GLY A 83 -29.18 -11.46 -16.10
CA GLY A 83 -29.13 -11.57 -17.55
C GLY A 83 -30.32 -10.86 -18.16
N GLU A 84 -30.08 -10.05 -19.21
CA GLU A 84 -31.08 -9.24 -19.94
C GLU A 84 -31.71 -8.11 -19.09
N GLY A 85 -31.01 -7.70 -18.01
CA GLY A 85 -31.43 -6.63 -17.13
C GLY A 85 -32.47 -6.96 -16.08
N HIS A 86 -32.92 -8.23 -16.04
CA HIS A 86 -33.95 -8.69 -15.09
C HIS A 86 -33.35 -9.22 -13.79
N SER A 87 -33.94 -8.80 -12.65
CA SER A 87 -33.51 -9.22 -11.31
C SER A 87 -34.03 -10.62 -10.97
N CYS A 88 -33.30 -11.36 -10.11
CA CYS A 88 -33.65 -12.72 -9.67
C CYS A 88 -33.03 -13.08 -8.32
N HIS A 89 -33.49 -14.20 -7.73
CA HIS A 89 -32.95 -14.78 -6.50
C HIS A 89 -31.82 -15.68 -7.01
N SER A 90 -30.62 -15.12 -7.09
CA SER A 90 -29.43 -15.73 -7.68
C SER A 90 -28.62 -16.69 -6.80
N PRO A 91 -28.19 -17.85 -7.37
CA PRO A 91 -27.31 -18.76 -6.61
C PRO A 91 -25.82 -18.37 -6.75
N VAL A 92 -25.55 -17.25 -7.46
CA VAL A 92 -24.22 -16.68 -7.72
C VAL A 92 -24.26 -15.14 -7.48
N ALA A 93 -25.15 -14.69 -6.57
CA ALA A 93 -25.35 -13.29 -6.23
C ALA A 93 -24.06 -12.61 -5.76
N LEU A 94 -23.81 -11.39 -6.27
CA LEU A 94 -22.63 -10.61 -5.90
C LEU A 94 -22.88 -9.89 -4.59
N GLU A 95 -21.96 -10.09 -3.63
CA GLU A 95 -22.03 -9.48 -2.30
C GLU A 95 -21.19 -8.22 -2.21
N ARG A 96 -19.89 -8.32 -2.53
CA ARG A 96 -18.92 -7.23 -2.42
C ARG A 96 -17.73 -7.47 -3.34
N ILE A 97 -17.27 -6.41 -4.01
CA ILE A 97 -16.09 -6.43 -4.87
C ILE A 97 -15.04 -5.54 -4.21
N ARG A 98 -13.89 -6.12 -3.85
CA ARG A 98 -12.78 -5.41 -3.21
C ARG A 98 -11.67 -5.14 -4.22
N ASN A 99 -11.20 -3.89 -4.27
CA ASN A 99 -10.16 -3.44 -5.19
C ASN A 99 -9.11 -2.55 -4.48
N GLU A 100 -8.64 -3.00 -3.31
CA GLU A 100 -7.64 -2.26 -2.54
C GLU A 100 -6.23 -2.58 -3.02
N ALA A 101 -6.05 -3.74 -3.69
CA ALA A 101 -4.78 -4.20 -4.24
C ALA A 101 -4.33 -3.30 -5.38
N THR A 102 -3.17 -2.65 -5.20
CA THR A 102 -2.60 -1.74 -6.19
C THR A 102 -2.15 -2.46 -7.48
N ASP A 103 -1.89 -3.78 -7.39
CA ASP A 103 -1.50 -4.61 -8.55
C ASP A 103 -2.69 -4.86 -9.52
N GLY A 104 -3.89 -4.43 -9.13
CA GLY A 104 -5.10 -4.54 -9.93
C GLY A 104 -5.98 -5.75 -9.68
N THR A 105 -5.54 -6.66 -8.79
CA THR A 105 -6.28 -7.89 -8.44
C THR A 105 -7.59 -7.54 -7.73
N LEU A 106 -8.69 -8.18 -8.16
CA LEU A 106 -10.01 -7.98 -7.56
C LEU A 106 -10.36 -9.15 -6.67
N LYS A 107 -10.83 -8.87 -5.44
CA LYS A 107 -11.28 -9.88 -4.50
C LYS A 107 -12.81 -9.80 -4.52
N ILE A 108 -13.44 -10.80 -5.15
CA ILE A 108 -14.88 -10.87 -5.37
C ILE A 108 -15.55 -11.84 -4.40
N GLN A 109 -16.67 -11.42 -3.78
CA GLN A 109 -17.46 -12.25 -2.86
C GLN A 109 -18.81 -12.58 -3.47
N VAL A 110 -19.13 -13.89 -3.57
CA VAL A 110 -20.38 -14.40 -4.12
C VAL A 110 -21.18 -15.25 -3.12
N SER A 111 -22.46 -15.53 -3.42
CA SER A 111 -23.34 -16.32 -2.55
C SER A 111 -23.05 -17.83 -2.55
N LEU A 112 -22.38 -18.35 -3.60
CA LEU A 112 -22.00 -19.77 -3.68
C LEU A 112 -20.63 -20.05 -3.05
N GLN A 113 -20.26 -21.34 -2.92
CA GLN A 113 -18.99 -21.77 -2.33
C GLN A 113 -18.20 -22.67 -3.30
N ILE A 114 -17.02 -22.20 -3.73
CA ILE A 114 -16.12 -22.88 -4.66
C ILE A 114 -15.11 -23.76 -3.91
N GLY A 115 -14.82 -24.93 -4.48
CA GLY A 115 -13.86 -25.88 -3.92
C GLY A 115 -14.40 -26.77 -2.83
N ILE A 116 -15.72 -26.70 -2.58
CA ILE A 116 -16.42 -27.49 -1.56
C ILE A 116 -17.58 -28.24 -2.19
N LYS A 117 -17.76 -29.51 -1.81
CA LYS A 117 -18.86 -30.37 -2.27
C LYS A 117 -19.97 -30.31 -1.22
N THR A 118 -21.19 -30.82 -1.56
CA THR A 118 -22.35 -30.85 -0.66
C THR A 118 -22.12 -31.63 0.64
N ASP A 119 -21.22 -32.63 0.61
CA ASP A 119 -20.86 -33.45 1.78
C ASP A 119 -19.76 -32.79 2.64
N ASP A 120 -19.45 -31.50 2.34
CA ASP A 120 -18.46 -30.62 2.99
C ASP A 120 -17.00 -30.87 2.62
N SER A 121 -16.72 -31.97 1.89
CA SER A 121 -15.36 -32.34 1.46
C SER A 121 -14.78 -31.31 0.49
N HIS A 122 -13.46 -31.08 0.59
CA HIS A 122 -12.75 -30.13 -0.25
C HIS A 122 -12.34 -30.77 -1.57
N ASP A 123 -12.73 -30.16 -2.69
CA ASP A 123 -12.45 -30.61 -4.05
C ASP A 123 -12.39 -29.39 -4.95
N TRP A 124 -11.18 -29.00 -5.40
CA TRP A 124 -10.92 -27.84 -6.24
C TRP A 124 -11.64 -27.87 -7.60
N THR A 125 -11.96 -29.07 -8.12
CA THR A 125 -12.67 -29.26 -9.40
C THR A 125 -14.18 -29.06 -9.26
N LYS A 126 -14.67 -28.93 -8.01
CA LYS A 126 -16.09 -28.78 -7.71
C LYS A 126 -16.47 -27.42 -7.14
N LEU A 127 -17.78 -27.14 -7.14
CA LEU A 127 -18.41 -25.91 -6.67
C LEU A 127 -19.78 -26.27 -6.10
N ARG A 128 -20.17 -25.65 -4.97
CA ARG A 128 -21.50 -25.86 -4.40
C ARG A 128 -22.31 -24.56 -4.35
N TYR A 129 -23.55 -24.64 -4.82
CA TYR A 129 -24.49 -23.52 -4.92
C TYR A 129 -25.86 -23.96 -4.35
N MET A 130 -26.70 -23.00 -3.96
CA MET A 130 -28.04 -23.31 -3.45
C MET A 130 -29.01 -23.55 -4.62
N ASP A 131 -29.53 -24.78 -4.73
CA ASP A 131 -30.49 -25.18 -5.75
C ASP A 131 -31.85 -25.33 -5.08
N ASN A 132 -32.69 -24.28 -5.22
CA ASN A 132 -34.03 -24.16 -4.62
C ASN A 132 -33.95 -24.21 -3.08
N HIS A 133 -34.14 -25.39 -2.47
CA HIS A 133 -34.12 -25.60 -1.01
C HIS A 133 -32.84 -26.28 -0.54
N MET A 134 -32.20 -27.07 -1.41
CA MET A 134 -31.00 -27.83 -1.08
C MET A 134 -29.75 -27.46 -1.89
N PRO A 135 -28.53 -27.45 -1.27
CA PRO A 135 -27.32 -27.16 -2.06
C PRO A 135 -27.00 -28.30 -3.04
N ALA A 136 -26.46 -27.94 -4.22
CA ALA A 136 -26.10 -28.90 -5.26
C ALA A 136 -24.67 -28.70 -5.78
N ASP A 137 -24.08 -29.76 -6.35
CA ASP A 137 -22.73 -29.73 -6.90
C ASP A 137 -22.70 -29.25 -8.36
N ALA A 138 -21.65 -28.50 -8.71
CA ALA A 138 -21.40 -27.97 -10.05
C ALA A 138 -19.89 -27.97 -10.33
N GLU A 139 -19.50 -27.91 -11.62
CA GLU A 139 -18.10 -27.93 -12.03
C GLU A 139 -17.43 -26.56 -11.87
N ARG A 140 -16.15 -26.58 -11.46
CA ARG A 140 -15.31 -25.38 -11.29
C ARG A 140 -14.96 -24.79 -12.67
N ALA A 141 -14.79 -25.65 -13.69
CA ALA A 141 -14.45 -25.27 -15.07
C ALA A 141 -15.50 -24.35 -15.71
N GLY A 142 -16.77 -24.53 -15.30
CA GLY A 142 -17.90 -23.74 -15.78
C GLY A 142 -17.99 -22.35 -15.18
N LEU A 143 -17.23 -22.09 -14.09
CA LEU A 143 -17.20 -20.79 -13.42
C LEU A 143 -16.44 -19.78 -14.28
N PHE A 144 -17.00 -18.57 -14.42
CA PHE A 144 -16.42 -17.49 -15.20
C PHE A 144 -16.62 -16.12 -14.54
N VAL A 145 -15.68 -15.20 -14.79
CA VAL A 145 -15.72 -13.81 -14.32
C VAL A 145 -15.45 -12.93 -15.54
N ARG A 146 -16.23 -11.85 -15.72
CA ARG A 146 -16.08 -10.91 -16.84
C ARG A 146 -16.51 -9.48 -16.52
N THR A 147 -15.84 -8.51 -17.16
CA THR A 147 -16.16 -7.08 -17.05
C THR A 147 -16.70 -6.68 -18.41
N SER A 148 -15.88 -6.03 -19.26
CA SER A 148 -16.26 -5.69 -20.62
C SER A 148 -15.90 -6.88 -21.53
N ALA A 149 -14.99 -7.75 -21.02
CA ALA A 149 -14.46 -8.95 -21.68
C ALA A 149 -14.08 -10.00 -20.58
N PRO A 150 -13.77 -11.29 -20.90
CA PRO A 150 -13.44 -12.26 -19.83
C PRO A 150 -12.24 -11.91 -18.95
N CYS A 151 -12.32 -12.31 -17.67
CA CYS A 151 -11.28 -12.09 -16.66
C CYS A 151 -10.42 -13.34 -16.47
N THR A 152 -9.19 -13.16 -15.96
CA THR A 152 -8.30 -14.26 -15.63
C THR A 152 -8.49 -14.55 -14.15
N ILE A 153 -9.06 -15.73 -13.84
CA ILE A 153 -9.29 -16.14 -12.45
C ILE A 153 -7.97 -16.67 -11.88
N THR A 154 -7.44 -16.02 -10.83
CA THR A 154 -6.17 -16.38 -10.21
C THR A 154 -6.27 -17.27 -8.97
N GLY A 155 -7.45 -17.29 -8.33
CA GLY A 155 -7.70 -18.08 -7.15
C GLY A 155 -9.17 -18.16 -6.77
N THR A 156 -9.59 -19.33 -6.26
CA THR A 156 -10.97 -19.61 -5.82
C THR A 156 -10.99 -20.48 -4.56
N MET A 157 -11.79 -20.07 -3.56
CA MET A 157 -11.98 -20.77 -2.29
C MET A 157 -13.21 -20.19 -1.57
N GLY A 158 -14.21 -21.05 -1.37
CA GLY A 158 -15.48 -20.70 -0.72
C GLY A 158 -16.23 -19.61 -1.46
N HIS A 159 -16.64 -18.56 -0.73
CA HIS A 159 -17.37 -17.41 -1.29
C HIS A 159 -16.46 -16.44 -2.08
N PHE A 160 -15.15 -16.70 -2.13
CA PHE A 160 -14.18 -15.79 -2.74
C PHE A 160 -13.49 -16.19 -4.03
N ILE A 161 -13.35 -15.19 -4.93
CA ILE A 161 -12.70 -15.30 -6.24
C ILE A 161 -11.69 -14.18 -6.40
N LEU A 162 -10.50 -14.53 -6.90
CA LEU A 162 -9.44 -13.59 -7.23
C LEU A 162 -9.41 -13.49 -8.75
N ALA A 163 -9.49 -12.29 -9.30
CA ALA A 163 -9.51 -12.10 -10.75
C ALA A 163 -8.75 -10.86 -11.26
N ARG A 164 -8.11 -11.02 -12.41
CA ARG A 164 -7.39 -9.96 -13.13
C ARG A 164 -8.31 -9.64 -14.31
N CYS A 165 -8.93 -8.46 -14.26
CA CYS A 165 -9.94 -8.03 -15.23
C CYS A 165 -9.51 -6.88 -16.12
N PRO A 166 -9.94 -6.85 -17.42
CA PRO A 166 -9.67 -5.67 -18.26
C PRO A 166 -10.61 -4.53 -17.88
N LYS A 167 -10.38 -3.32 -18.41
CA LYS A 167 -11.18 -2.12 -18.16
C LYS A 167 -12.67 -2.36 -18.46
N GLY A 168 -13.54 -1.97 -17.53
CA GLY A 168 -14.97 -2.15 -17.67
C GLY A 168 -15.84 -1.26 -16.80
N GLU A 169 -17.16 -1.36 -16.99
CA GLU A 169 -18.17 -0.58 -16.25
C GLU A 169 -19.12 -1.47 -15.44
N THR A 170 -19.07 -2.78 -15.69
CA THR A 170 -19.87 -3.80 -15.00
C THR A 170 -18.98 -4.98 -14.60
N LEU A 171 -19.44 -5.82 -13.67
CA LEU A 171 -18.74 -7.02 -13.24
C LEU A 171 -19.74 -8.18 -13.19
N THR A 172 -19.45 -9.26 -13.92
CA THR A 172 -20.30 -10.44 -14.02
C THR A 172 -19.57 -11.69 -13.51
N VAL A 173 -20.25 -12.47 -12.66
CA VAL A 173 -19.76 -13.74 -12.13
C VAL A 173 -20.86 -14.77 -12.43
N GLY A 174 -20.47 -15.86 -13.07
CA GLY A 174 -21.40 -16.92 -13.44
C GLY A 174 -20.84 -18.32 -13.39
N PHE A 175 -21.71 -19.32 -13.63
CA PHE A 175 -21.40 -20.75 -13.64
C PHE A 175 -22.48 -21.54 -14.40
N THR A 176 -22.21 -22.83 -14.68
CA THR A 176 -23.14 -23.74 -15.34
C THR A 176 -23.49 -24.86 -14.34
N ASP A 177 -24.80 -25.05 -14.07
CA ASP A 177 -25.28 -26.05 -13.13
C ASP A 177 -25.27 -27.49 -13.67
N SER A 178 -25.83 -28.46 -12.89
CA SER A 178 -25.93 -29.88 -13.24
C SER A 178 -26.81 -30.10 -14.48
N ARG A 179 -27.89 -29.30 -14.62
CA ARG A 179 -28.86 -29.36 -15.71
C ARG A 179 -28.39 -28.59 -16.96
N LYS A 180 -27.09 -28.22 -17.01
CA LYS A 180 -26.43 -27.45 -18.09
C LYS A 180 -26.98 -26.03 -18.26
N ILE A 181 -27.71 -25.52 -17.24
CA ILE A 181 -28.30 -24.18 -17.22
C ILE A 181 -27.31 -23.17 -16.65
N SER A 182 -27.04 -22.10 -17.42
CA SER A 182 -26.12 -21.04 -17.03
C SER A 182 -26.79 -20.04 -16.08
N HIS A 183 -26.06 -19.65 -15.01
CA HIS A 183 -26.50 -18.68 -14.01
C HIS A 183 -25.44 -17.61 -13.87
N SER A 184 -25.82 -16.33 -13.98
CA SER A 184 -24.89 -15.21 -13.86
C SER A 184 -25.48 -14.03 -13.08
N CYS A 185 -24.60 -13.20 -12.49
CA CYS A 185 -24.99 -12.01 -11.74
C CYS A 185 -24.15 -10.81 -12.17
N THR A 186 -24.81 -9.74 -12.64
CA THR A 186 -24.15 -8.52 -13.12
C THR A 186 -24.44 -7.33 -12.20
N HIS A 187 -23.37 -6.65 -11.77
CA HIS A 187 -23.41 -5.47 -10.90
C HIS A 187 -22.64 -4.33 -11.56
N PRO A 188 -23.11 -3.06 -11.45
CA PRO A 188 -22.31 -1.96 -12.00
C PRO A 188 -21.05 -1.74 -11.15
N PHE A 189 -19.88 -1.84 -11.79
CA PHE A 189 -18.59 -1.67 -11.13
C PHE A 189 -17.58 -1.06 -12.09
N HIS A 190 -17.10 0.14 -11.77
CA HIS A 190 -16.10 0.81 -12.60
C HIS A 190 -14.72 0.24 -12.33
N HIS A 191 -14.18 -0.50 -13.30
CA HIS A 191 -12.87 -1.12 -13.19
C HIS A 191 -11.92 -0.54 -14.23
N ASP A 192 -10.92 0.18 -13.75
CA ASP A 192 -9.84 0.81 -14.53
C ASP A 192 -8.69 0.95 -13.52
N PRO A 193 -7.93 -0.14 -13.26
CA PRO A 193 -6.89 -0.08 -12.23
C PRO A 193 -5.74 0.90 -12.51
N PRO A 194 -5.29 1.67 -11.47
CA PRO A 194 -4.20 2.63 -11.70
C PRO A 194 -2.87 1.96 -12.03
N VAL A 195 -2.00 2.71 -12.72
CA VAL A 195 -0.67 2.28 -13.13
C VAL A 195 0.28 2.08 -11.94
N ILE A 196 1.00 0.94 -11.93
CA ILE A 196 2.03 0.65 -10.93
C ILE A 196 3.31 1.20 -11.55
N GLY A 197 3.85 2.24 -10.94
CA GLY A 197 5.05 2.91 -11.42
C GLY A 197 4.77 4.06 -12.36
N ARG A 198 5.64 4.23 -13.36
CA ARG A 198 5.58 5.33 -14.33
C ARG A 198 5.47 4.85 -15.80
N GLU A 199 5.13 3.56 -16.01
CA GLU A 199 4.99 2.98 -17.35
C GLU A 199 3.74 2.11 -17.43
N LYS A 200 2.85 2.38 -18.41
CA LYS A 200 1.62 1.62 -18.60
C LYS A 200 1.91 0.43 -19.53
N PHE A 201 2.20 -0.73 -18.93
CA PHE A 201 2.53 -1.98 -19.63
C PHE A 201 1.41 -3.01 -19.57
N HIS A 202 1.44 -4.00 -20.49
CA HIS A 202 0.43 -5.05 -20.60
C HIS A 202 0.80 -6.33 -19.83
N SER A 203 1.93 -6.97 -20.18
CA SER A 203 2.39 -8.22 -19.56
C SER A 203 3.41 -8.04 -18.45
N ARG A 204 3.38 -8.93 -17.46
CA ARG A 204 4.26 -8.96 -16.29
C ARG A 204 5.72 -9.34 -16.64
N PRO A 205 6.72 -8.50 -16.28
CA PRO A 205 8.12 -8.87 -16.58
C PRO A 205 8.75 -9.76 -15.50
N GLN A 206 9.72 -10.60 -15.90
CA GLN A 206 10.46 -11.47 -14.98
C GLN A 206 11.47 -10.63 -14.19
N HIS A 207 12.11 -9.66 -14.86
CA HIS A 207 13.09 -8.73 -14.31
C HIS A 207 12.63 -7.28 -14.51
N GLY A 208 12.98 -6.43 -13.56
CA GLY A 208 12.67 -5.01 -13.58
C GLY A 208 12.88 -4.33 -12.25
N LYS A 209 12.39 -3.08 -12.14
CA LYS A 209 12.46 -2.28 -10.92
C LYS A 209 11.46 -2.83 -9.90
N GLU A 210 11.92 -3.10 -8.67
CA GLU A 210 11.07 -3.62 -7.60
C GLU A 210 10.36 -2.45 -6.92
N LEU A 211 9.03 -2.39 -7.09
CA LEU A 211 8.21 -1.34 -6.51
C LEU A 211 7.20 -1.86 -5.49
N PRO A 212 6.92 -1.11 -4.39
CA PRO A 212 5.95 -1.60 -3.40
C PRO A 212 4.53 -1.60 -3.97
N CYS A 213 3.83 -2.74 -3.79
CA CYS A 213 2.46 -2.92 -4.27
C CYS A 213 1.72 -3.91 -3.35
N SER A 214 0.39 -3.86 -3.36
CA SER A 214 -0.43 -4.77 -2.57
C SER A 214 -1.17 -5.74 -3.48
N THR A 215 -1.41 -6.95 -2.98
CA THR A 215 -2.14 -8.01 -3.68
C THR A 215 -2.93 -8.84 -2.69
N TYR A 216 -3.86 -9.65 -3.20
CA TYR A 216 -4.60 -10.61 -2.39
C TYR A 216 -3.84 -11.91 -2.62
N VAL A 217 -3.18 -12.43 -1.56
CA VAL A 217 -2.36 -13.63 -1.63
C VAL A 217 -3.14 -14.88 -2.06
N GLN A 218 -2.60 -15.64 -3.03
CA GLN A 218 -3.23 -16.86 -3.57
C GLN A 218 -3.34 -18.03 -2.58
N SER A 219 -2.82 -17.86 -1.34
CA SER A 219 -2.85 -18.87 -0.28
C SER A 219 -4.29 -19.18 0.16
N THR A 220 -4.66 -20.46 0.12
CA THR A 220 -5.99 -20.97 0.50
C THR A 220 -6.26 -20.81 2.00
N ALA A 221 -5.18 -20.67 2.81
CA ALA A 221 -5.21 -20.50 4.26
C ALA A 221 -5.97 -19.25 4.69
N ALA A 222 -6.77 -19.40 5.75
CA ALA A 222 -7.60 -18.35 6.33
C ALA A 222 -7.14 -18.10 7.77
N THR A 223 -6.35 -17.02 7.99
CA THR A 223 -5.77 -16.70 9.30
C THR A 223 -5.96 -15.27 9.82
N THR A 224 -6.01 -14.25 8.92
CA THR A 224 -6.14 -12.85 9.32
C THR A 224 -7.52 -12.23 9.09
N GLU A 225 -7.93 -12.03 7.83
CA GLU A 225 -9.22 -11.44 7.45
C GLU A 225 -10.41 -12.32 7.83
N GLU A 226 -11.58 -11.71 8.07
CA GLU A 226 -12.79 -12.42 8.50
C GLU A 226 -14.11 -11.81 7.99
N ILE A 227 -15.20 -12.61 8.08
CA ILE A 227 -16.57 -12.22 7.73
C ILE A 227 -17.52 -12.62 8.86
N GLU A 228 -18.62 -11.88 9.00
CA GLU A 228 -19.64 -12.17 10.00
C GLU A 228 -20.61 -13.21 9.45
N VAL A 229 -21.01 -14.16 10.29
CA VAL A 229 -21.94 -15.23 9.94
C VAL A 229 -23.05 -15.34 10.99
N HIS A 230 -24.22 -15.82 10.56
CA HIS A 230 -25.38 -16.06 11.42
C HIS A 230 -26.30 -17.11 10.82
N MET A 231 -27.27 -17.60 11.62
CA MET A 231 -28.26 -18.58 11.18
C MET A 231 -29.15 -17.96 10.08
N PRO A 232 -29.50 -18.70 9.01
CA PRO A 232 -30.34 -18.11 7.96
C PRO A 232 -31.78 -17.86 8.42
N PRO A 233 -32.55 -16.97 7.74
CA PRO A 233 -33.95 -16.76 8.15
C PRO A 233 -34.81 -17.95 7.70
N ASP A 234 -36.10 -17.95 8.07
CA ASP A 234 -37.03 -19.00 7.66
C ASP A 234 -37.18 -18.99 6.15
N THR A 235 -37.12 -20.18 5.53
CA THR A 235 -37.19 -20.35 4.09
C THR A 235 -38.64 -20.63 3.64
N PRO A 236 -39.34 -19.64 3.01
CA PRO A 236 -40.73 -19.88 2.57
C PRO A 236 -40.86 -20.98 1.52
N ASP A 237 -41.82 -21.89 1.73
CA ASP A 237 -42.08 -23.02 0.84
C ASP A 237 -43.57 -23.35 0.82
N ARG A 238 -44.22 -23.03 -0.32
CA ARG A 238 -45.66 -23.25 -0.52
C ARG A 238 -46.01 -24.74 -0.67
N THR A 239 -45.04 -25.57 -1.13
CA THR A 239 -45.20 -27.02 -1.34
C THR A 239 -45.44 -27.80 -0.04
N LEU A 240 -45.15 -27.19 1.13
CA LEU A 240 -45.37 -27.78 2.46
C LEU A 240 -46.86 -27.93 2.75
N MET A 241 -47.68 -27.01 2.19
CA MET A 241 -49.13 -26.98 2.36
C MET A 241 -49.87 -27.63 1.20
N SER A 242 -50.92 -28.40 1.52
CA SER A 242 -51.77 -29.09 0.56
C SER A 242 -53.24 -29.00 0.99
N GLN A 243 -54.17 -29.12 0.03
CA GLN A 243 -55.60 -29.04 0.30
C GLN A 243 -56.23 -30.42 0.58
N GLN A 244 -56.40 -30.76 1.87
CA GLN A 244 -57.02 -32.01 2.30
C GLN A 244 -58.54 -31.85 2.23
N SER A 245 -59.13 -32.20 1.06
CA SER A 245 -60.56 -32.10 0.70
C SER A 245 -61.05 -30.65 0.58
N GLY A 246 -60.94 -29.89 1.67
CA GLY A 246 -61.32 -28.49 1.77
C GLY A 246 -60.69 -27.79 2.95
N ASN A 247 -59.58 -28.36 3.47
CA ASN A 247 -58.81 -27.87 4.61
C ASN A 247 -57.32 -27.75 4.28
N VAL A 248 -56.47 -27.34 5.25
CA VAL A 248 -55.02 -27.17 5.04
C VAL A 248 -54.24 -28.29 5.72
N LYS A 249 -53.36 -28.96 4.95
CA LYS A 249 -52.49 -30.02 5.44
C LYS A 249 -51.02 -29.61 5.29
N ILE A 250 -50.33 -29.43 6.42
CA ILE A 250 -48.92 -29.05 6.45
C ILE A 250 -48.08 -30.31 6.71
N THR A 251 -47.28 -30.72 5.70
CA THR A 251 -46.41 -31.90 5.79
C THR A 251 -44.98 -31.41 6.00
N VAL A 252 -44.42 -31.66 7.20
CA VAL A 252 -43.08 -31.24 7.60
C VAL A 252 -41.92 -31.95 6.88
N ASN A 253 -42.07 -33.27 6.62
CA ASN A 253 -41.08 -34.15 5.99
C ASN A 253 -39.73 -34.16 6.73
N GLY A 254 -39.81 -34.39 8.04
CA GLY A 254 -38.66 -34.44 8.94
C GLY A 254 -37.93 -33.14 9.17
N GLN A 255 -38.64 -32.00 9.00
CA GLN A 255 -38.10 -30.65 9.16
C GLN A 255 -38.86 -29.88 10.23
N THR A 256 -38.29 -28.75 10.69
CA THR A 256 -38.92 -27.86 11.65
C THR A 256 -39.55 -26.74 10.81
N VAL A 257 -40.89 -26.71 10.78
CA VAL A 257 -41.65 -25.76 9.96
C VAL A 257 -42.40 -24.74 10.82
N ARG A 258 -42.25 -23.45 10.50
CA ARG A 258 -42.97 -22.37 11.15
C ARG A 258 -44.15 -22.04 10.24
N TYR A 259 -45.36 -22.18 10.75
CA TYR A 259 -46.59 -21.93 9.99
C TYR A 259 -47.48 -20.89 10.66
N LYS A 260 -48.32 -20.22 9.86
CA LYS A 260 -49.28 -19.21 10.28
C LYS A 260 -50.43 -19.14 9.28
N CYS A 261 -51.66 -19.31 9.77
CA CYS A 261 -52.88 -19.28 8.97
C CYS A 261 -53.81 -18.14 9.40
N ASN A 262 -54.57 -17.58 8.45
CA ASN A 262 -55.54 -16.51 8.70
C ASN A 262 -56.90 -17.17 9.06
N CYS A 263 -56.87 -18.08 10.05
CA CYS A 263 -58.01 -18.86 10.54
C CYS A 263 -57.97 -18.97 12.08
N GLY A 264 -59.01 -19.58 12.66
CA GLY A 264 -59.12 -19.78 14.09
C GLY A 264 -58.38 -21.00 14.61
N GLY A 265 -58.41 -21.19 15.93
CA GLY A 265 -57.76 -22.30 16.61
C GLY A 265 -56.24 -22.23 16.60
N SER A 266 -55.58 -23.40 16.54
CA SER A 266 -54.12 -23.51 16.50
C SER A 266 -53.57 -23.12 15.11
N ASN A 267 -53.62 -21.81 14.80
CA ASN A 267 -53.20 -21.24 13.52
C ASN A 267 -51.68 -21.08 13.36
N GLU A 268 -50.94 -20.90 14.46
CA GLU A 268 -49.48 -20.75 14.42
C GLU A 268 -48.73 -21.78 15.29
N GLY A 269 -47.42 -21.87 15.09
CA GLY A 269 -46.56 -22.76 15.84
C GLY A 269 -45.31 -23.22 15.13
N LEU A 270 -44.28 -23.57 15.92
CA LEU A 270 -43.01 -24.11 15.45
C LEU A 270 -43.13 -25.63 15.60
N THR A 271 -43.58 -26.29 14.54
CA THR A 271 -43.84 -27.74 14.53
C THR A 271 -42.72 -28.60 13.98
N THR A 272 -42.56 -29.79 14.58
CA THR A 272 -41.61 -30.83 14.19
C THR A 272 -42.37 -32.02 13.57
N THR A 273 -43.71 -32.03 13.75
CA THR A 273 -44.64 -33.06 13.26
C THR A 273 -45.71 -32.44 12.34
N ASP A 274 -46.41 -33.28 11.55
CA ASP A 274 -47.47 -32.87 10.63
C ASP A 274 -48.65 -32.24 11.35
N LYS A 275 -49.23 -31.17 10.77
CA LYS A 275 -50.35 -30.44 11.34
C LYS A 275 -51.46 -30.22 10.31
N VAL A 276 -52.73 -30.26 10.77
CA VAL A 276 -53.91 -30.05 9.95
C VAL A 276 -54.70 -28.83 10.45
N ILE A 277 -55.09 -27.93 9.53
CA ILE A 277 -55.84 -26.72 9.86
C ILE A 277 -57.23 -26.81 9.19
N ASN A 278 -58.22 -27.30 9.94
CA ASN A 278 -59.60 -27.46 9.46
C ASN A 278 -60.31 -26.10 9.37
N ASN A 279 -61.28 -25.99 8.43
CA ASN A 279 -62.07 -24.78 8.12
C ASN A 279 -61.13 -23.62 7.69
N CYS A 280 -60.13 -23.94 6.86
CA CYS A 280 -59.11 -23.02 6.37
C CYS A 280 -58.76 -23.30 4.91
N LYS A 281 -58.42 -22.24 4.15
CA LYS A 281 -58.02 -22.32 2.74
C LYS A 281 -56.49 -22.21 2.61
N VAL A 282 -55.91 -22.88 1.59
CA VAL A 282 -54.47 -22.92 1.34
C VAL A 282 -53.81 -21.54 1.11
N ASP A 283 -54.56 -20.56 0.57
CA ASP A 283 -54.10 -19.20 0.31
C ASP A 283 -54.04 -18.34 1.58
N GLN A 284 -54.80 -18.74 2.62
CA GLN A 284 -54.87 -18.05 3.93
C GLN A 284 -53.67 -18.41 4.82
N CYS A 285 -52.84 -19.39 4.39
CA CYS A 285 -51.69 -19.88 5.16
C CYS A 285 -50.32 -19.52 4.58
N HIS A 286 -49.32 -19.43 5.48
CA HIS A 286 -47.92 -19.15 5.19
C HIS A 286 -47.07 -20.22 5.89
N ALA A 287 -46.19 -20.89 5.13
CA ALA A 287 -45.32 -21.94 5.66
C ALA A 287 -43.87 -21.71 5.28
N ALA A 288 -42.95 -21.98 6.22
CA ALA A 288 -41.51 -21.80 6.03
C ALA A 288 -40.67 -22.78 6.85
N VAL A 289 -39.59 -23.30 6.24
CA VAL A 289 -38.66 -24.24 6.88
C VAL A 289 -37.59 -23.43 7.64
N THR A 290 -37.40 -23.73 8.93
CA THR A 290 -36.41 -23.04 9.77
C THR A 290 -35.02 -23.66 9.59
N ASN A 291 -33.98 -22.82 9.65
CA ASN A 291 -32.59 -23.25 9.49
C ASN A 291 -31.77 -22.85 10.72
N HIS A 292 -31.81 -23.68 11.77
CA HIS A 292 -31.08 -23.41 13.02
C HIS A 292 -29.80 -24.25 13.16
N LYS A 293 -29.57 -25.18 12.21
CA LYS A 293 -28.41 -26.07 12.20
C LYS A 293 -27.27 -25.53 11.33
N LYS A 294 -27.52 -24.49 10.51
CA LYS A 294 -26.53 -23.93 9.60
C LYS A 294 -26.20 -22.46 9.82
N TRP A 295 -25.03 -22.06 9.31
CA TRP A 295 -24.53 -20.69 9.33
C TRP A 295 -24.52 -20.16 7.90
N GLN A 296 -24.63 -18.84 7.77
CA GLN A 296 -24.68 -18.15 6.49
C GLN A 296 -24.04 -16.79 6.66
N TYR A 297 -23.37 -16.28 5.62
CA TYR A 297 -22.76 -14.94 5.67
C TYR A 297 -23.83 -13.90 6.04
N ASN A 298 -23.45 -12.93 6.89
CA ASN A 298 -24.33 -11.85 7.33
C ASN A 298 -24.56 -10.91 6.12
N SER A 299 -25.39 -11.38 5.19
CA SER A 299 -25.71 -10.73 3.92
C SER A 299 -26.80 -9.66 4.01
N PRO A 300 -26.55 -8.44 3.48
CA PRO A 300 -27.61 -7.42 3.48
C PRO A 300 -28.69 -7.70 2.43
N LEU A 301 -28.50 -8.75 1.60
CA LEU A 301 -29.40 -9.19 0.53
C LEU A 301 -30.34 -10.33 0.98
N VAL A 302 -30.18 -10.78 2.24
CA VAL A 302 -30.95 -11.86 2.85
C VAL A 302 -31.54 -11.30 4.18
N PRO A 303 -32.82 -11.56 4.55
CA PRO A 303 -33.33 -11.00 5.81
C PRO A 303 -32.74 -11.64 7.06
N ARG A 304 -32.75 -10.91 8.17
CA ARG A 304 -32.24 -11.37 9.46
C ARG A 304 -33.25 -12.35 10.07
N ASN A 305 -32.78 -13.27 10.93
CA ASN A 305 -33.67 -14.23 11.59
C ASN A 305 -34.47 -13.46 12.66
N ALA A 306 -35.80 -13.54 12.57
CA ALA A 306 -36.73 -12.84 13.47
C ALA A 306 -36.68 -13.32 14.93
N GLU A 307 -36.53 -14.65 15.14
CA GLU A 307 -36.50 -15.30 16.45
C GLU A 307 -35.31 -14.82 17.30
N LEU A 308 -34.07 -15.02 16.82
CA LEU A 308 -32.85 -14.59 17.50
C LEU A 308 -32.55 -13.11 17.26
N GLY A 309 -32.01 -12.45 18.28
CA GLY A 309 -31.66 -11.03 18.23
C GLY A 309 -30.46 -10.70 17.39
N ASP A 310 -29.41 -10.14 18.02
CA ASP A 310 -28.16 -9.76 17.35
C ASP A 310 -27.10 -10.88 17.45
N ARG A 311 -27.56 -12.15 17.42
CA ARG A 311 -26.71 -13.34 17.51
C ARG A 311 -25.91 -13.52 16.22
N LYS A 312 -24.57 -13.60 16.37
CA LYS A 312 -23.65 -13.75 15.23
C LYS A 312 -22.35 -14.44 15.60
N GLY A 313 -21.76 -15.09 14.61
CA GLY A 313 -20.46 -15.75 14.69
C GLY A 313 -19.54 -15.09 13.68
N LYS A 314 -18.28 -15.55 13.63
CA LYS A 314 -17.30 -15.04 12.68
C LYS A 314 -16.37 -16.13 12.19
N ILE A 315 -15.99 -16.07 10.91
CA ILE A 315 -15.13 -17.08 10.29
C ILE A 315 -14.00 -16.42 9.50
N HIS A 316 -12.80 -17.02 9.52
CA HIS A 316 -11.66 -16.51 8.77
C HIS A 316 -11.89 -16.74 7.27
N ILE A 317 -11.35 -15.85 6.42
CA ILE A 317 -11.53 -15.93 4.97
C ILE A 317 -10.22 -16.08 4.19
N PRO A 318 -10.22 -16.76 3.01
CA PRO A 318 -8.96 -16.88 2.26
C PRO A 318 -8.61 -15.59 1.52
N PHE A 319 -7.40 -15.56 0.93
CA PHE A 319 -6.85 -14.46 0.13
C PHE A 319 -6.80 -13.08 0.81
N PRO A 320 -6.15 -12.92 1.99
CA PRO A 320 -6.08 -11.58 2.61
C PRO A 320 -5.17 -10.63 1.84
N LEU A 321 -5.40 -9.31 2.00
CA LEU A 321 -4.58 -8.29 1.36
C LEU A 321 -3.24 -8.21 2.09
N ALA A 322 -2.13 -8.19 1.34
CA ALA A 322 -0.78 -8.13 1.89
C ALA A 322 0.15 -7.29 1.02
N ASN A 323 1.15 -6.65 1.66
CA ASN A 323 2.16 -5.83 0.99
C ASN A 323 3.22 -6.74 0.36
N VAL A 324 3.40 -6.60 -0.95
CA VAL A 324 4.36 -7.39 -1.74
C VAL A 324 5.22 -6.47 -2.63
N THR A 325 5.90 -7.06 -3.63
CA THR A 325 6.73 -6.35 -4.58
C THR A 325 6.21 -6.60 -6.00
N CYS A 326 6.13 -5.53 -6.81
CA CYS A 326 5.70 -5.58 -8.20
C CYS A 326 6.88 -5.19 -9.07
N ARG A 327 7.24 -6.07 -10.03
CA ARG A 327 8.35 -5.81 -10.94
C ARG A 327 7.83 -5.06 -12.17
N VAL A 328 8.45 -3.91 -12.46
CA VAL A 328 8.07 -3.03 -13.57
C VAL A 328 9.20 -2.88 -14.59
N PRO A 329 8.90 -2.83 -15.91
CA PRO A 329 9.98 -2.66 -16.90
C PRO A 329 10.53 -1.23 -16.90
N LYS A 330 11.79 -1.09 -17.31
CA LYS A 330 12.46 0.19 -17.41
C LYS A 330 12.57 0.53 -18.90
N ALA A 331 11.96 1.65 -19.32
CA ALA A 331 11.96 2.12 -20.71
C ALA A 331 13.38 2.33 -21.20
N ARG A 332 13.65 1.96 -22.48
CA ARG A 332 14.98 2.10 -23.08
C ARG A 332 15.49 3.54 -23.07
N ASN A 333 16.77 3.72 -22.67
CA ASN A 333 17.41 5.04 -22.57
C ASN A 333 17.38 5.79 -23.91
N PRO A 334 16.82 7.02 -23.93
CA PRO A 334 16.70 7.76 -25.21
C PRO A 334 18.03 8.26 -25.78
N THR A 335 18.02 8.60 -27.09
CA THR A 335 19.18 9.15 -27.79
C THR A 335 19.27 10.62 -27.36
N VAL A 336 20.36 10.97 -26.66
CA VAL A 336 20.57 12.30 -26.09
C VAL A 336 21.63 13.12 -26.84
N THR A 337 21.25 14.34 -27.27
CA THR A 337 22.12 15.31 -27.94
C THR A 337 22.15 16.60 -27.11
N TYR A 338 23.26 17.35 -27.17
CA TYR A 338 23.42 18.58 -26.38
C TYR A 338 23.53 19.88 -27.16
N GLY A 339 23.26 20.97 -26.45
CA GLY A 339 23.32 22.36 -26.91
C GLY A 339 23.57 23.31 -25.75
N LYS A 340 23.80 24.60 -26.03
CA LYS A 340 24.05 25.62 -25.01
C LYS A 340 22.87 25.75 -24.05
N ASN A 341 23.06 25.28 -22.79
CA ASN A 341 22.06 25.24 -21.69
C ASN A 341 20.76 24.52 -22.15
N GLN A 342 20.93 23.48 -22.99
CA GLN A 342 19.84 22.75 -23.61
C GLN A 342 20.15 21.26 -23.79
N VAL A 343 19.14 20.40 -23.52
CA VAL A 343 19.23 18.95 -23.69
C VAL A 343 18.10 18.47 -24.63
N ILE A 344 18.47 17.69 -25.66
CA ILE A 344 17.51 17.17 -26.65
C ILE A 344 17.47 15.64 -26.59
N MET A 345 16.28 15.09 -26.27
CA MET A 345 16.05 13.66 -26.14
C MET A 345 15.09 13.14 -27.22
N LEU A 346 15.48 12.05 -27.89
CA LEU A 346 14.65 11.39 -28.90
C LEU A 346 14.00 10.19 -28.20
N LEU A 347 12.75 10.37 -27.74
CA LEU A 347 12.01 9.34 -27.01
C LEU A 347 11.33 8.34 -27.93
N TYR A 348 11.59 7.05 -27.69
CA TYR A 348 11.00 5.94 -28.44
C TYR A 348 10.27 4.98 -27.48
N PRO A 349 9.06 5.33 -26.98
CA PRO A 349 8.37 4.43 -26.03
C PRO A 349 7.67 3.25 -26.70
N ASP A 350 7.72 2.08 -26.03
CA ASP A 350 7.08 0.85 -26.49
C ASP A 350 5.66 0.76 -25.95
N HIS A 351 5.35 1.62 -24.95
CA HIS A 351 4.07 1.74 -24.25
C HIS A 351 3.99 3.12 -23.55
N PRO A 352 2.81 3.61 -23.05
CA PRO A 352 2.79 4.93 -22.39
C PRO A 352 3.82 5.05 -21.27
N THR A 353 4.72 6.03 -21.40
CA THR A 353 5.84 6.26 -20.49
C THR A 353 5.81 7.69 -19.95
N LEU A 354 5.83 7.83 -18.61
CA LEU A 354 5.81 9.13 -17.95
C LEU A 354 7.17 9.80 -17.93
N LEU A 355 7.22 11.02 -18.49
CA LEU A 355 8.42 11.85 -18.52
C LEU A 355 8.22 13.02 -17.56
N SER A 356 9.13 13.18 -16.60
CA SER A 356 9.08 14.26 -15.62
C SER A 356 10.44 14.95 -15.50
N TYR A 357 10.43 16.26 -15.22
CA TYR A 357 11.63 17.06 -15.08
C TYR A 357 11.49 18.23 -14.14
N ARG A 358 12.61 18.63 -13.52
CA ARG A 358 12.68 19.75 -12.56
C ARG A 358 14.08 20.37 -12.53
N ASN A 359 14.13 21.68 -12.25
CA ASN A 359 15.37 22.41 -12.08
C ASN A 359 15.86 22.10 -10.66
N MET A 360 17.19 21.97 -10.48
CA MET A 360 17.76 21.65 -9.17
C MET A 360 18.14 22.88 -8.33
N GLY A 361 17.42 23.98 -8.56
CA GLY A 361 17.59 25.24 -7.86
C GLY A 361 16.41 25.64 -7.01
N GLU A 362 16.30 26.93 -6.69
CA GLU A 362 15.24 27.53 -5.87
C GLU A 362 13.85 27.38 -6.50
N GLU A 363 13.75 27.50 -7.83
CA GLU A 363 12.51 27.37 -8.59
C GLU A 363 12.58 26.06 -9.40
N PRO A 364 12.07 24.93 -8.85
CA PRO A 364 12.16 23.65 -9.57
C PRO A 364 11.32 23.59 -10.85
N ASN A 365 10.12 24.23 -10.85
CA ASN A 365 9.17 24.28 -11.97
C ASN A 365 8.91 22.87 -12.53
N TYR A 366 8.35 21.99 -11.68
CA TYR A 366 8.06 20.61 -12.02
C TYR A 366 7.04 20.51 -13.16
N GLN A 367 7.41 19.73 -14.19
CA GLN A 367 6.55 19.48 -15.35
C GLN A 367 6.52 17.98 -15.64
N GLU A 368 5.36 17.48 -16.09
CA GLU A 368 5.17 16.07 -16.43
C GLU A 368 4.26 15.87 -17.63
N GLU A 369 4.54 14.81 -18.42
CA GLU A 369 3.77 14.44 -19.60
C GLU A 369 3.90 12.94 -19.90
N TRP A 370 2.78 12.31 -20.27
CA TRP A 370 2.76 10.89 -20.64
C TRP A 370 3.09 10.80 -22.13
N VAL A 371 4.23 10.19 -22.45
CA VAL A 371 4.71 10.04 -23.81
C VAL A 371 4.15 8.73 -24.39
N MET A 372 3.29 8.86 -25.41
CA MET A 372 2.60 7.73 -26.05
C MET A 372 3.39 7.11 -27.21
N HIS A 373 4.00 7.95 -28.07
CA HIS A 373 4.79 7.50 -29.21
C HIS A 373 6.04 8.37 -29.43
N LYS A 374 6.71 8.23 -30.61
CA LYS A 374 7.92 8.95 -31.01
C LYS A 374 7.76 10.48 -30.84
N LYS A 375 8.55 11.07 -29.92
CA LYS A 375 8.51 12.51 -29.65
C LYS A 375 9.88 13.04 -29.24
N GLU A 376 10.30 14.14 -29.88
CA GLU A 376 11.57 14.82 -29.59
C GLU A 376 11.28 15.90 -28.54
N VAL A 377 12.01 15.87 -27.42
CA VAL A 377 11.82 16.84 -26.34
C VAL A 377 13.03 17.76 -26.15
N VAL A 378 12.77 19.08 -26.19
CA VAL A 378 13.78 20.13 -26.02
C VAL A 378 13.61 20.71 -24.62
N LEU A 379 14.62 20.51 -23.76
CA LEU A 379 14.61 20.94 -22.36
C LEU A 379 15.75 21.89 -22.05
N THR A 380 15.46 22.97 -21.31
CA THR A 380 16.46 23.96 -20.91
C THR A 380 17.16 23.53 -19.62
N VAL A 381 18.50 23.44 -19.66
CA VAL A 381 19.32 23.05 -18.51
C VAL A 381 19.85 24.31 -17.81
N PRO A 382 19.35 24.67 -16.61
CA PRO A 382 19.86 25.87 -15.94
C PRO A 382 21.21 25.62 -15.27
N THR A 383 21.88 26.71 -14.81
CA THR A 383 23.18 26.67 -14.12
C THR A 383 23.13 25.75 -12.88
N GLU A 384 21.99 25.76 -12.16
CA GLU A 384 21.73 24.95 -10.96
C GLU A 384 21.64 23.46 -11.28
N GLY A 385 21.24 23.13 -12.51
CA GLY A 385 21.10 21.76 -12.98
C GLY A 385 19.67 21.33 -13.25
N LEU A 386 19.51 20.29 -14.10
CA LEU A 386 18.22 19.73 -14.47
C LEU A 386 18.18 18.22 -14.20
N GLU A 387 17.10 17.76 -13.53
CA GLU A 387 16.87 16.34 -13.22
C GLU A 387 15.71 15.85 -14.09
N VAL A 388 15.93 14.78 -14.88
CA VAL A 388 14.94 14.20 -15.79
C VAL A 388 14.68 12.73 -15.46
N THR A 389 13.39 12.36 -15.26
CA THR A 389 12.98 10.98 -14.99
C THR A 389 12.14 10.46 -16.16
N TRP A 390 12.65 9.42 -16.84
CA TRP A 390 12.01 8.79 -17.99
C TRP A 390 11.50 7.40 -17.58
N GLY A 391 10.21 7.31 -17.30
CA GLY A 391 9.55 6.09 -16.87
C GLY A 391 10.08 5.58 -15.55
N ASN A 392 10.30 4.26 -15.46
CA ASN A 392 10.80 3.59 -14.26
C ASN A 392 12.32 3.63 -14.08
N ASN A 393 13.04 4.32 -14.99
CA ASN A 393 14.48 4.49 -14.93
C ASN A 393 14.86 5.45 -13.81
N GLU A 394 16.10 5.33 -13.29
CA GLU A 394 16.64 6.21 -12.27
C GLU A 394 16.80 7.62 -12.87
N PRO A 395 16.55 8.70 -12.12
CA PRO A 395 16.65 10.05 -12.72
C PRO A 395 18.01 10.42 -13.32
N TYR A 396 17.98 11.03 -14.52
CA TYR A 396 19.17 11.51 -15.22
C TYR A 396 19.40 12.94 -14.74
N LYS A 397 20.66 13.32 -14.52
CA LYS A 397 21.00 14.67 -14.08
C LYS A 397 21.87 15.35 -15.13
N TYR A 398 21.55 16.62 -15.44
CA TYR A 398 22.27 17.41 -16.44
C TYR A 398 22.70 18.76 -15.89
N TRP A 399 23.93 19.17 -16.21
CA TRP A 399 24.55 20.43 -15.79
C TRP A 399 25.25 21.11 -16.97
N PRO A 400 25.26 22.46 -17.07
CA PRO A 400 26.00 23.11 -18.16
C PRO A 400 27.52 23.06 -17.93
N GLN A 401 28.31 23.04 -19.02
CA GLN A 401 29.77 23.00 -18.97
C GLN A 401 30.32 24.39 -18.66
N GLY B 1 48.54 18.40 21.60
CA GLY B 1 48.50 19.76 21.09
C GLY B 1 48.53 19.78 19.57
N GLY B 2 47.36 19.59 18.94
CA GLY B 2 47.21 19.56 17.49
C GLY B 2 47.04 20.94 16.85
N TYR B 3 46.35 20.99 15.70
CA TYR B 3 46.09 22.20 14.93
C TYR B 3 44.68 22.18 14.34
N GLU B 4 43.88 23.23 14.60
CA GLU B 4 42.52 23.34 14.09
C GLU B 4 42.48 24.01 12.71
N HIS B 5 42.04 23.25 11.70
CA HIS B 5 41.88 23.74 10.33
C HIS B 5 40.40 23.99 10.09
N VAL B 6 40.06 25.25 9.73
CA VAL B 6 38.68 25.66 9.49
C VAL B 6 38.51 26.09 8.02
N THR B 7 37.53 25.49 7.33
CA THR B 7 37.19 25.80 5.95
C THR B 7 35.67 25.73 5.74
N VAL B 8 35.19 26.24 4.59
CA VAL B 8 33.77 26.26 4.24
C VAL B 8 33.60 25.71 2.82
N ILE B 9 32.78 24.68 2.66
CA ILE B 9 32.51 24.06 1.36
C ILE B 9 31.03 24.24 0.97
N PRO B 10 30.67 24.35 -0.34
CA PRO B 10 29.25 24.46 -0.69
C PRO B 10 28.52 23.16 -0.35
N ASN B 11 27.24 23.27 0.06
CA ASN B 11 26.43 22.11 0.43
C ASN B 11 25.97 21.38 -0.85
N THR B 12 26.93 20.71 -1.51
CA THR B 12 26.71 19.97 -2.75
C THR B 12 27.38 18.59 -2.62
N VAL B 13 26.58 17.53 -2.80
CA VAL B 13 27.02 16.14 -2.69
C VAL B 13 27.66 15.66 -4.01
N GLY B 14 28.69 14.83 -3.89
CA GLY B 14 29.39 14.24 -5.03
C GLY B 14 30.46 15.10 -5.66
N VAL B 15 30.87 16.18 -4.97
CA VAL B 15 31.90 17.10 -5.47
C VAL B 15 33.12 17.07 -4.54
N PRO B 16 34.27 16.49 -4.98
CA PRO B 16 35.46 16.47 -4.11
C PRO B 16 36.10 17.86 -4.04
N TYR B 17 36.36 18.34 -2.81
CA TYR B 17 36.98 19.65 -2.57
C TYR B 17 38.35 19.47 -1.94
N LYS B 18 39.33 20.25 -2.39
CA LYS B 18 40.69 20.20 -1.87
C LYS B 18 40.92 21.36 -0.93
N THR B 19 41.44 21.07 0.27
CA THR B 19 41.75 22.07 1.28
C THR B 19 43.21 22.00 1.71
N LEU B 20 43.89 23.16 1.68
CA LEU B 20 45.30 23.24 2.06
C LEU B 20 45.46 23.59 3.53
N VAL B 21 46.03 22.66 4.30
CA VAL B 21 46.29 22.84 5.72
C VAL B 21 47.73 23.33 5.85
N ASN B 22 47.90 24.56 6.34
CA ASN B 22 49.22 25.16 6.52
C ASN B 22 49.49 25.53 7.96
N ARG B 23 50.05 24.58 8.72
CA ARG B 23 50.45 24.77 10.11
C ARG B 23 51.85 25.43 10.07
N PRO B 24 52.05 26.62 10.70
CA PRO B 24 53.38 27.28 10.63
C PRO B 24 54.53 26.41 11.15
N GLY B 25 55.57 26.29 10.33
CA GLY B 25 56.76 25.50 10.63
C GLY B 25 56.62 24.03 10.29
N TYR B 26 55.50 23.65 9.66
CA TYR B 26 55.20 22.27 9.26
C TYR B 26 54.86 22.22 7.78
N SER B 27 55.29 21.14 7.11
CA SER B 27 55.06 20.91 5.68
C SER B 27 53.56 20.97 5.34
N PRO B 28 53.17 21.65 4.22
CA PRO B 28 51.74 21.75 3.87
C PRO B 28 51.06 20.39 3.71
N MET B 29 49.78 20.33 4.08
CA MET B 29 48.97 19.12 4.02
C MET B 29 47.72 19.36 3.19
N VAL B 30 47.46 18.49 2.20
CA VAL B 30 46.28 18.61 1.34
C VAL B 30 45.26 17.55 1.72
N LEU B 31 44.06 17.99 2.10
CA LEU B 31 42.95 17.10 2.46
C LEU B 31 41.84 17.21 1.43
N GLU B 32 41.39 16.05 0.91
CA GLU B 32 40.28 15.99 -0.03
C GLU B 32 39.02 15.68 0.78
N MET B 33 37.98 16.49 0.63
CA MET B 33 36.71 16.33 1.34
C MET B 33 35.57 16.25 0.35
N GLU B 34 34.67 15.27 0.55
CA GLU B 34 33.52 15.06 -0.32
C GLU B 34 32.29 14.72 0.51
N LEU B 35 31.19 15.47 0.32
CA LEU B 35 29.94 15.19 1.00
C LEU B 35 29.28 14.01 0.32
N LEU B 36 29.10 12.91 1.07
CA LEU B 36 28.50 11.68 0.55
C LEU B 36 26.98 11.76 0.63
N SER B 37 26.45 12.38 1.69
CA SER B 37 25.02 12.60 1.93
C SER B 37 24.77 13.65 3.01
N VAL B 38 23.69 14.43 2.83
CA VAL B 38 23.24 15.45 3.78
C VAL B 38 21.76 15.14 4.05
N THR B 39 21.46 14.70 5.28
CA THR B 39 20.13 14.29 5.69
C THR B 39 19.45 15.31 6.60
N LEU B 40 18.21 15.69 6.25
CA LEU B 40 17.35 16.60 7.01
C LEU B 40 16.16 15.77 7.49
N GLU B 41 16.23 15.27 8.74
CA GLU B 41 15.20 14.41 9.33
C GLU B 41 14.30 15.20 10.30
N PRO B 42 13.05 15.53 9.93
CA PRO B 42 12.18 16.26 10.86
C PRO B 42 11.59 15.38 11.96
N THR B 43 11.28 15.99 13.11
CA THR B 43 10.63 15.30 14.22
C THR B 43 9.16 15.18 13.88
N LEU B 44 8.64 13.95 13.84
CA LEU B 44 7.25 13.68 13.48
C LEU B 44 6.36 13.36 14.66
N SER B 45 5.12 13.87 14.61
CA SER B 45 4.09 13.62 15.61
C SER B 45 2.83 13.20 14.87
N LEU B 46 2.48 11.90 14.96
CA LEU B 46 1.33 11.32 14.27
C LEU B 46 0.01 11.86 14.84
N ASP B 47 -0.77 12.53 13.97
CA ASP B 47 -2.08 13.09 14.31
C ASP B 47 -3.11 11.98 14.14
N TYR B 48 -3.10 11.32 12.97
CA TYR B 48 -4.00 10.22 12.59
C TYR B 48 -3.53 9.51 11.33
N ILE B 49 -4.17 8.38 11.02
CA ILE B 49 -3.97 7.62 9.80
C ILE B 49 -5.32 7.59 9.07
N THR B 50 -5.26 7.48 7.75
CA THR B 50 -6.44 7.35 6.91
C THR B 50 -6.24 6.22 5.92
N CYS B 51 -7.34 5.63 5.47
CA CYS B 51 -7.36 4.48 4.56
C CYS B 51 -8.75 4.37 3.95
N GLU B 52 -9.02 3.31 3.18
CA GLU B 52 -10.31 3.05 2.57
C GLU B 52 -11.29 2.65 3.68
N TYR B 53 -12.51 3.19 3.64
CA TYR B 53 -13.52 2.86 4.65
C TYR B 53 -14.28 1.60 4.25
N LYS B 54 -15.01 1.00 5.21
CA LYS B 54 -15.86 -0.16 5.00
C LYS B 54 -17.24 0.15 5.55
N THR B 55 -18.27 0.01 4.70
CA THR B 55 -19.66 0.24 5.13
C THR B 55 -20.21 -1.10 5.61
N VAL B 56 -20.31 -1.26 6.93
CA VAL B 56 -20.80 -2.50 7.54
C VAL B 56 -22.30 -2.51 7.54
N ILE B 57 -22.87 -3.41 6.72
CA ILE B 57 -24.31 -3.55 6.60
C ILE B 57 -24.73 -5.00 6.92
N PRO B 58 -25.32 -5.25 8.11
CA PRO B 58 -25.78 -6.61 8.41
C PRO B 58 -27.08 -6.92 7.67
N SER B 59 -27.61 -8.15 7.86
CA SER B 59 -28.87 -8.57 7.28
C SER B 59 -29.99 -7.65 7.80
N PRO B 60 -30.84 -7.08 6.93
CA PRO B 60 -31.89 -6.17 7.43
C PRO B 60 -32.93 -6.90 8.26
N TYR B 61 -33.42 -6.24 9.33
CA TYR B 61 -34.43 -6.83 10.18
C TYR B 61 -35.81 -6.58 9.58
N VAL B 62 -36.35 -7.60 8.90
CA VAL B 62 -37.67 -7.55 8.30
C VAL B 62 -38.65 -8.10 9.35
N LYS B 63 -39.35 -7.20 10.05
CA LYS B 63 -40.32 -7.59 11.07
C LYS B 63 -41.68 -7.83 10.42
N CYS B 64 -42.03 -9.11 10.25
CA CYS B 64 -43.31 -9.52 9.66
C CYS B 64 -44.41 -9.30 10.67
N CYS B 65 -45.51 -8.65 10.22
CA CYS B 65 -46.71 -8.35 11.02
C CYS B 65 -46.45 -7.43 12.24
N GLY B 66 -45.38 -6.64 12.17
CA GLY B 66 -45.01 -5.73 13.25
C GLY B 66 -44.19 -4.54 12.82
N THR B 67 -43.95 -3.62 13.77
CA THR B 67 -43.16 -2.41 13.56
C THR B 67 -41.84 -2.50 14.30
N ALA B 68 -40.72 -2.43 13.56
CA ALA B 68 -39.36 -2.45 14.09
C ALA B 68 -39.02 -1.07 14.64
N GLU B 69 -38.10 -0.99 15.62
CA GLU B 69 -37.71 0.27 16.25
C GLU B 69 -36.20 0.52 16.19
N CYS B 70 -35.81 1.72 15.69
CA CYS B 70 -34.42 2.14 15.59
C CYS B 70 -33.95 2.70 16.94
N LYS B 71 -32.71 2.34 17.34
CA LYS B 71 -32.09 2.83 18.57
C LYS B 71 -30.74 3.48 18.26
N ASP B 72 -30.41 4.56 18.99
CA ASP B 72 -29.16 5.29 18.79
C ASP B 72 -27.95 4.49 19.26
N LYS B 73 -27.13 4.03 18.30
CA LYS B 73 -25.92 3.25 18.56
C LYS B 73 -24.68 4.12 18.36
N ASN B 74 -23.77 4.14 19.35
CA ASN B 74 -22.55 4.92 19.29
C ASN B 74 -21.51 4.24 18.37
N LEU B 75 -21.76 4.34 17.05
CA LEU B 75 -20.91 3.78 16.00
C LEU B 75 -20.64 4.87 14.95
N PRO B 76 -19.46 4.87 14.27
CA PRO B 76 -19.19 5.93 13.28
C PRO B 76 -20.13 5.89 12.08
N ASP B 77 -20.74 7.06 11.74
CA ASP B 77 -21.72 7.23 10.66
C ASP B 77 -22.92 6.28 10.80
N TYR B 78 -23.37 6.03 12.05
CA TYR B 78 -24.50 5.13 12.30
C TYR B 78 -25.78 5.67 11.68
N SER B 79 -26.38 4.84 10.82
CA SER B 79 -27.61 5.17 10.11
C SER B 79 -28.64 4.07 10.35
N CYS B 80 -29.87 4.45 10.71
CA CYS B 80 -30.97 3.53 10.96
C CYS B 80 -32.27 4.13 10.45
N LYS B 81 -33.05 3.32 9.70
CA LYS B 81 -34.35 3.71 9.17
C LYS B 81 -35.30 2.53 9.09
N VAL B 82 -36.54 2.73 9.54
CA VAL B 82 -37.59 1.70 9.50
C VAL B 82 -38.54 2.05 8.36
N PHE B 83 -38.66 1.14 7.38
CA PHE B 83 -39.51 1.31 6.21
C PHE B 83 -40.81 0.54 6.34
N THR B 84 -41.95 1.25 6.28
CA THR B 84 -43.30 0.67 6.40
C THR B 84 -43.87 0.27 5.04
N GLY B 85 -44.84 -0.63 5.05
CA GLY B 85 -45.53 -1.12 3.86
C GLY B 85 -44.70 -2.00 2.96
N VAL B 86 -43.75 -2.76 3.55
CA VAL B 86 -42.89 -3.67 2.78
C VAL B 86 -43.55 -5.05 2.63
N TYR B 87 -43.29 -5.73 1.51
CA TYR B 87 -43.80 -7.07 1.24
C TYR B 87 -42.69 -7.82 0.47
N PRO B 88 -41.59 -8.20 1.15
CA PRO B 88 -40.48 -8.85 0.44
C PRO B 88 -40.72 -10.30 0.05
N PHE B 89 -40.10 -10.70 -1.06
CA PHE B 89 -40.18 -12.06 -1.61
C PHE B 89 -38.84 -12.75 -1.61
N MET B 90 -38.86 -14.05 -1.37
CA MET B 90 -37.71 -14.94 -1.47
C MET B 90 -38.05 -15.90 -2.63
N TRP B 91 -37.15 -16.82 -2.99
CA TRP B 91 -37.38 -17.75 -4.11
C TRP B 91 -38.71 -18.53 -4.04
N GLY B 92 -39.08 -19.01 -2.85
CA GLY B 92 -40.28 -19.81 -2.62
C GLY B 92 -41.55 -19.04 -2.27
N GLY B 93 -41.54 -17.73 -2.53
CA GLY B 93 -42.68 -16.86 -2.26
C GLY B 93 -42.40 -15.75 -1.26
N ALA B 94 -43.48 -15.16 -0.72
CA ALA B 94 -43.45 -14.07 0.24
C ALA B 94 -42.84 -14.48 1.58
N TYR B 95 -41.95 -13.63 2.12
CA TYR B 95 -41.27 -13.86 3.39
C TYR B 95 -42.20 -13.63 4.59
N CYS B 96 -43.17 -12.70 4.46
CA CYS B 96 -44.12 -12.37 5.52
C CYS B 96 -45.52 -12.94 5.28
N PHE B 97 -46.20 -13.32 6.39
CA PHE B 97 -47.57 -13.84 6.38
C PHE B 97 -48.58 -12.73 6.07
N CYS B 98 -48.34 -11.54 6.64
CA CYS B 98 -49.19 -10.36 6.47
C CYS B 98 -48.99 -9.67 5.13
N ASP B 99 -50.09 -9.15 4.55
CA ASP B 99 -50.05 -8.39 3.29
C ASP B 99 -49.54 -6.98 3.56
N ALA B 100 -50.11 -6.33 4.60
CA ALA B 100 -49.74 -5.00 5.08
C ALA B 100 -49.14 -5.12 6.49
N GLU B 101 -48.67 -4.00 7.07
CA GLU B 101 -48.08 -3.92 8.43
C GLU B 101 -46.75 -4.64 8.65
N ASN B 102 -45.96 -4.83 7.58
CA ASN B 102 -44.62 -5.42 7.67
C ASN B 102 -43.61 -4.28 7.57
N THR B 103 -42.56 -4.33 8.39
CA THR B 103 -41.54 -3.27 8.39
C THR B 103 -40.14 -3.82 8.18
N GLN B 104 -39.27 -3.04 7.50
CA GLN B 104 -37.88 -3.41 7.31
C GLN B 104 -36.99 -2.39 8.02
N LEU B 105 -36.19 -2.85 8.97
CA LEU B 105 -35.23 -2.02 9.68
C LEU B 105 -33.90 -2.16 8.96
N SER B 106 -33.45 -1.09 8.31
CA SER B 106 -32.18 -1.03 7.62
C SER B 106 -31.19 -0.30 8.52
N GLU B 107 -30.03 -0.92 8.77
CA GLU B 107 -28.99 -0.32 9.60
C GLU B 107 -27.60 -0.48 9.02
N ALA B 108 -26.76 0.55 9.21
CA ALA B 108 -25.40 0.60 8.70
C ALA B 108 -24.50 1.51 9.52
N HIS B 109 -23.19 1.22 9.52
CA HIS B 109 -22.17 2.02 10.18
C HIS B 109 -20.86 1.92 9.39
N VAL B 110 -19.93 2.86 9.64
CA VAL B 110 -18.64 2.90 8.96
C VAL B 110 -17.52 2.57 9.94
N GLU B 111 -16.55 1.77 9.47
CA GLU B 111 -15.37 1.38 10.23
C GLU B 111 -14.20 1.22 9.24
N LYS B 112 -12.98 0.97 9.76
CA LYS B 112 -11.81 0.77 8.93
C LYS B 112 -11.95 -0.50 8.10
N SER B 113 -11.54 -0.44 6.82
CA SER B 113 -11.56 -1.61 5.94
C SER B 113 -10.43 -2.57 6.34
N GLU B 114 -10.51 -3.83 5.88
CA GLU B 114 -9.52 -4.88 6.13
C GLU B 114 -8.15 -4.48 5.56
N SER B 115 -8.18 -3.57 4.56
CA SER B 115 -7.03 -3.02 3.85
C SER B 115 -6.22 -2.00 4.64
N CYS B 116 -6.80 -1.40 5.69
CA CYS B 116 -6.18 -0.37 6.51
C CYS B 116 -4.81 -0.65 7.13
N LYS B 117 -4.47 -1.94 7.32
CA LYS B 117 -3.18 -2.37 7.85
C LYS B 117 -2.12 -2.32 6.74
N THR B 118 -2.53 -2.58 5.48
CA THR B 118 -1.67 -2.63 4.30
C THR B 118 -1.68 -1.32 3.49
N GLU B 119 -2.88 -0.80 3.17
CA GLU B 119 -3.07 0.42 2.37
C GLU B 119 -3.54 1.57 3.26
N PHE B 120 -2.62 2.48 3.61
CA PHE B 120 -2.92 3.63 4.45
C PHE B 120 -1.98 4.81 4.24
N ALA B 121 -2.46 6.01 4.59
CA ALA B 121 -1.71 7.27 4.55
C ALA B 121 -1.67 7.82 5.97
N SER B 122 -0.49 8.30 6.40
CA SER B 122 -0.31 8.84 7.75
C SER B 122 -0.18 10.36 7.75
N ALA B 123 -0.95 11.04 8.63
CA ALA B 123 -0.92 12.50 8.78
C ALA B 123 0.01 12.85 9.94
N TYR B 124 1.12 13.54 9.64
CA TYR B 124 2.13 13.93 10.64
C TYR B 124 2.29 15.44 10.78
N ARG B 125 2.61 15.87 12.00
CA ARG B 125 2.95 17.26 12.31
C ARG B 125 4.48 17.30 12.34
N ALA B 126 5.09 17.90 11.31
CA ALA B 126 6.56 17.98 11.17
C ALA B 126 7.13 19.29 11.70
N HIS B 127 8.09 19.19 12.64
CA HIS B 127 8.75 20.35 13.25
C HIS B 127 10.27 20.21 13.33
N THR B 128 10.98 21.36 13.47
CA THR B 128 12.43 21.56 13.58
C THR B 128 13.32 20.35 13.26
N ALA B 129 13.76 20.25 12.01
CA ALA B 129 14.59 19.15 11.50
C ALA B 129 16.03 19.22 12.00
N SER B 130 16.62 18.04 12.29
CA SER B 130 18.00 17.91 12.71
C SER B 130 18.82 17.56 11.46
N ALA B 131 19.80 18.42 11.12
CA ALA B 131 20.65 18.23 9.95
C ALA B 131 21.83 17.32 10.28
N SER B 132 22.07 16.31 9.43
CA SER B 132 23.15 15.33 9.57
C SER B 132 23.94 15.24 8.27
N ALA B 133 25.26 14.99 8.36
CA ALA B 133 26.12 14.91 7.18
C ALA B 133 27.11 13.75 7.23
N LYS B 134 27.28 13.08 6.08
CA LYS B 134 28.23 11.98 5.89
C LYS B 134 29.32 12.56 4.99
N LEU B 135 30.54 12.65 5.51
CA LEU B 135 31.67 13.24 4.80
C LEU B 135 32.84 12.28 4.62
N ARG B 136 33.32 12.17 3.37
CA ARG B 136 34.48 11.35 3.02
C ARG B 136 35.69 12.27 3.05
N VAL B 137 36.72 11.90 3.82
CA VAL B 137 37.96 12.68 3.94
C VAL B 137 39.16 11.81 3.54
N LEU B 138 39.93 12.25 2.52
CA LEU B 138 41.16 11.55 2.13
C LEU B 138 42.21 12.05 3.12
N TYR B 139 42.42 11.25 4.18
CA TYR B 139 43.31 11.56 5.29
C TYR B 139 44.39 10.49 5.42
N GLN B 140 45.66 10.90 5.24
CA GLN B 140 46.88 10.07 5.30
C GLN B 140 46.87 8.93 4.26
N GLY B 141 46.48 9.26 3.04
CA GLY B 141 46.41 8.33 1.90
C GLY B 141 45.26 7.33 1.97
N ASN B 142 44.39 7.46 3.00
CA ASN B 142 43.25 6.58 3.22
C ASN B 142 41.95 7.39 3.29
N ASN B 143 40.83 6.78 2.86
CA ASN B 143 39.52 7.41 2.90
C ASN B 143 38.82 7.12 4.22
N ILE B 144 38.51 8.17 4.98
CA ILE B 144 37.81 8.07 6.25
C ILE B 144 36.40 8.65 6.13
N THR B 145 35.42 8.03 6.80
CA THR B 145 34.03 8.47 6.76
C THR B 145 33.64 9.09 8.10
N VAL B 146 33.11 10.32 8.05
CA VAL B 146 32.69 11.07 9.23
C VAL B 146 31.20 11.34 9.14
N THR B 147 30.43 10.84 10.11
CA THR B 147 28.98 11.06 10.19
C THR B 147 28.72 11.91 11.43
N ALA B 148 28.24 13.14 11.22
CA ALA B 148 27.99 14.10 12.30
C ALA B 148 26.80 15.00 12.02
N TYR B 149 26.18 15.51 13.10
CA TYR B 149 25.08 16.46 13.01
C TYR B 149 25.69 17.81 12.62
N ALA B 150 25.14 18.44 11.56
CA ALA B 150 25.61 19.71 11.01
C ALA B 150 25.11 20.93 11.81
N ASN B 151 25.27 20.89 13.15
CA ASN B 151 24.84 21.93 14.08
C ASN B 151 26.02 22.76 14.63
N GLY B 152 27.25 22.34 14.33
CA GLY B 152 28.47 23.00 14.79
C GLY B 152 28.77 22.76 16.26
N ASP B 153 28.26 21.64 16.81
CA ASP B 153 28.45 21.27 18.21
C ASP B 153 28.88 19.81 18.36
N HIS B 154 28.29 18.91 17.55
CA HIS B 154 28.57 17.47 17.57
C HIS B 154 29.99 17.15 17.08
N ALA B 155 30.89 16.86 18.03
CA ALA B 155 32.29 16.53 17.74
C ALA B 155 32.45 15.03 17.52
N VAL B 156 32.97 14.65 16.34
CA VAL B 156 33.20 13.25 15.95
C VAL B 156 34.69 13.05 15.67
N THR B 157 35.32 12.12 16.42
CA THR B 157 36.75 11.83 16.30
C THR B 157 37.01 10.53 15.54
N VAL B 158 37.73 10.62 14.42
CA VAL B 158 38.14 9.50 13.56
C VAL B 158 39.64 9.60 13.36
N LYS B 159 40.39 8.56 13.79
CA LYS B 159 41.86 8.46 13.72
C LYS B 159 42.56 9.67 14.37
N ASP B 160 42.05 10.05 15.57
CA ASP B 160 42.51 11.16 16.41
C ASP B 160 42.20 12.58 15.89
N ALA B 161 41.58 12.68 14.70
CA ALA B 161 41.19 13.96 14.09
C ALA B 161 39.75 14.27 14.50
N LYS B 162 39.55 15.37 15.25
CA LYS B 162 38.24 15.81 15.74
C LYS B 162 37.52 16.66 14.70
N PHE B 163 36.31 16.22 14.31
CA PHE B 163 35.50 16.90 13.29
C PHE B 163 34.27 17.58 13.89
N ILE B 164 34.08 18.85 13.53
CA ILE B 164 32.92 19.67 13.91
C ILE B 164 32.34 20.19 12.60
N VAL B 165 31.16 19.68 12.24
CA VAL B 165 30.46 19.99 11.00
C VAL B 165 29.32 21.00 11.26
N GLY B 166 29.24 22.03 10.42
CA GLY B 166 28.23 23.06 10.49
C GLY B 166 28.56 24.22 11.42
N PRO B 167 27.58 25.06 11.82
CA PRO B 167 26.14 25.00 11.47
C PRO B 167 25.85 25.38 10.02
N MET B 168 24.80 24.78 9.44
CA MET B 168 24.35 24.98 8.06
C MET B 168 24.02 26.46 7.83
N SER B 169 24.47 27.04 6.70
CA SER B 169 24.21 28.45 6.36
C SER B 169 22.72 28.68 6.06
N SER B 170 22.04 27.64 5.57
CA SER B 170 20.61 27.68 5.25
C SER B 170 19.85 26.72 6.18
N ALA B 171 18.76 27.21 6.80
CA ALA B 171 17.88 26.44 7.68
C ALA B 171 16.65 25.95 6.89
N TRP B 172 16.71 26.03 5.56
CA TRP B 172 15.65 25.63 4.63
C TRP B 172 15.35 24.13 4.66
N THR B 173 14.07 23.79 4.59
CA THR B 173 13.55 22.43 4.58
C THR B 173 12.44 22.28 3.52
N PRO B 174 12.38 21.16 2.75
CA PRO B 174 11.28 21.01 1.76
C PRO B 174 9.94 20.63 2.41
N PHE B 175 9.96 20.34 3.72
CA PHE B 175 8.78 19.93 4.48
C PHE B 175 8.09 21.11 5.16
N ASP B 176 6.77 21.18 5.04
CA ASP B 176 5.94 22.19 5.70
C ASP B 176 5.60 21.70 7.12
N ASN B 177 4.78 22.46 7.87
CA ASN B 177 4.37 22.12 9.24
C ASN B 177 3.55 20.83 9.29
N LYS B 178 2.72 20.59 8.26
CA LYS B 178 1.86 19.41 8.16
C LYS B 178 2.22 18.59 6.92
N ILE B 179 2.50 17.29 7.12
CA ILE B 179 2.88 16.37 6.03
C ILE B 179 2.04 15.08 6.02
N VAL B 180 1.93 14.46 4.84
CA VAL B 180 1.20 13.20 4.62
C VAL B 180 2.16 12.18 4.00
N VAL B 181 2.24 10.98 4.59
CA VAL B 181 3.14 9.91 4.14
C VAL B 181 2.35 8.69 3.64
N TYR B 182 2.63 8.26 2.40
CA TYR B 182 2.05 7.07 1.80
C TYR B 182 3.18 6.23 1.25
N LYS B 183 3.47 5.09 1.91
CA LYS B 183 4.54 4.14 1.57
C LYS B 183 5.91 4.85 1.49
N GLY B 184 6.46 4.98 0.28
CA GLY B 184 7.74 5.64 0.05
C GLY B 184 7.61 7.07 -0.44
N ASP B 185 6.39 7.64 -0.39
CA ASP B 185 6.10 9.01 -0.85
C ASP B 185 5.63 9.94 0.27
N VAL B 186 6.16 11.17 0.27
CA VAL B 186 5.84 12.22 1.26
C VAL B 186 5.20 13.39 0.50
N TYR B 187 4.15 13.99 1.09
CA TYR B 187 3.44 15.12 0.50
C TYR B 187 3.26 16.24 1.51
N ASN B 188 3.42 17.50 1.06
CA ASN B 188 3.17 18.67 1.89
C ASN B 188 1.67 18.92 1.77
N MET B 189 0.93 18.69 2.85
CA MET B 189 -0.52 18.85 2.83
C MET B 189 -1.08 19.39 4.13
N ASP B 190 -1.91 20.44 4.02
CA ASP B 190 -2.60 21.04 5.15
C ASP B 190 -3.87 20.19 5.33
N TYR B 191 -3.65 18.92 5.78
CA TYR B 191 -4.69 17.91 5.98
C TYR B 191 -5.76 18.37 6.99
N PRO B 192 -7.04 17.93 6.86
CA PRO B 192 -8.04 18.37 7.84
C PRO B 192 -7.74 17.79 9.23
N PRO B 193 -8.01 18.54 10.32
CA PRO B 193 -7.76 17.99 11.67
C PRO B 193 -8.65 16.79 11.97
N PHE B 194 -8.34 16.03 13.04
CA PHE B 194 -9.14 14.88 13.44
C PHE B 194 -10.55 15.36 13.83
N GLY B 195 -11.55 14.74 13.24
CA GLY B 195 -12.96 15.09 13.48
C GLY B 195 -13.46 16.20 12.59
N ALA B 196 -12.70 16.52 11.51
CA ALA B 196 -13.03 17.59 10.56
C ALA B 196 -12.99 17.12 9.10
N GLY B 197 -12.83 15.81 8.88
CA GLY B 197 -12.78 15.21 7.57
C GLY B 197 -14.08 15.34 6.80
N ARG B 198 -13.98 15.59 5.48
CA ARG B 198 -15.13 15.78 4.60
C ARG B 198 -15.46 14.53 3.76
N PRO B 199 -16.74 14.31 3.36
CA PRO B 199 -17.08 13.13 2.54
C PRO B 199 -16.42 13.16 1.15
N GLY B 200 -15.95 11.99 0.71
CA GLY B 200 -15.29 11.81 -0.57
C GLY B 200 -13.94 12.47 -0.73
N GLN B 201 -13.37 12.96 0.40
CA GLN B 201 -12.10 13.67 0.44
C GLN B 201 -11.16 13.01 1.46
N PHE B 202 -9.85 13.35 1.40
CA PHE B 202 -8.82 12.85 2.32
C PHE B 202 -9.25 13.15 3.76
N GLY B 203 -9.47 12.09 4.52
CA GLY B 203 -9.88 12.19 5.91
C GLY B 203 -11.36 11.92 6.16
N ASP B 204 -12.10 11.38 5.16
CA ASP B 204 -13.52 11.01 5.31
C ASP B 204 -13.68 10.00 6.45
N ILE B 205 -12.62 9.21 6.66
CA ILE B 205 -12.43 8.26 7.75
C ILE B 205 -11.08 8.61 8.40
N GLN B 206 -11.07 8.77 9.74
CA GLN B 206 -9.85 9.11 10.47
C GLN B 206 -9.67 8.21 11.69
N SER B 207 -8.48 7.61 11.81
CA SER B 207 -8.10 6.75 12.93
C SER B 207 -6.82 7.31 13.53
N ARG B 208 -6.86 7.69 14.82
CA ARG B 208 -5.71 8.28 15.55
C ARG B 208 -4.44 7.44 15.44
N THR B 209 -4.57 6.11 15.53
CA THR B 209 -3.49 5.12 15.42
C THR B 209 -4.00 3.97 14.52
N PRO B 210 -3.12 3.15 13.87
CA PRO B 210 -3.65 2.04 13.05
C PRO B 210 -4.33 0.92 13.84
N GLU B 211 -4.06 0.85 15.15
CA GLU B 211 -4.61 -0.17 16.07
C GLU B 211 -5.93 0.28 16.74
N SER B 212 -6.25 1.59 16.67
CA SER B 212 -7.44 2.23 17.25
C SER B 212 -8.75 1.52 16.92
N LYS B 213 -9.57 1.25 17.96
CA LYS B 213 -10.86 0.57 17.82
C LYS B 213 -11.93 1.54 17.31
N ASP B 214 -12.00 2.75 17.89
CA ASP B 214 -12.96 3.78 17.50
C ASP B 214 -12.35 4.69 16.44
N VAL B 215 -13.13 5.00 15.39
CA VAL B 215 -12.71 5.85 14.28
C VAL B 215 -13.71 6.98 14.04
N TYR B 216 -13.26 8.06 13.39
CA TYR B 216 -14.14 9.16 13.00
C TYR B 216 -14.56 8.88 11.56
N ALA B 217 -15.84 9.14 11.23
CA ALA B 217 -16.35 8.94 9.89
C ALA B 217 -17.39 9.97 9.48
N ASN B 218 -17.21 10.53 8.28
CA ASN B 218 -18.10 11.50 7.65
C ASN B 218 -18.10 11.17 6.16
N THR B 219 -18.92 10.18 5.78
CA THR B 219 -19.00 9.67 4.41
C THR B 219 -20.32 10.00 3.71
N GLN B 220 -21.24 10.73 4.40
CA GLN B 220 -22.57 11.13 3.91
C GLN B 220 -23.46 9.91 3.61
N LEU B 221 -23.38 8.90 4.50
CA LEU B 221 -24.12 7.64 4.41
C LEU B 221 -25.62 7.88 4.68
N VAL B 222 -26.46 7.60 3.66
CA VAL B 222 -27.92 7.77 3.73
C VAL B 222 -28.59 6.49 3.23
N LEU B 223 -29.41 5.86 4.09
CA LEU B 223 -30.12 4.62 3.75
C LEU B 223 -31.37 4.92 2.94
N GLN B 224 -31.63 4.12 1.90
CA GLN B 224 -32.77 4.28 1.00
C GLN B 224 -33.82 3.18 1.17
N ARG B 225 -35.06 3.45 0.74
CA ARG B 225 -36.17 2.50 0.81
C ARG B 225 -35.89 1.32 -0.16
N PRO B 226 -35.99 0.05 0.31
CA PRO B 226 -35.73 -1.08 -0.60
C PRO B 226 -36.74 -1.18 -1.73
N ALA B 227 -36.33 -1.83 -2.85
CA ALA B 227 -37.16 -2.06 -4.02
C ALA B 227 -38.34 -2.96 -3.68
N ALA B 228 -39.47 -2.81 -4.41
CA ALA B 228 -40.69 -3.58 -4.20
C ALA B 228 -40.43 -5.09 -4.22
N GLY B 229 -40.80 -5.76 -3.14
CA GLY B 229 -40.64 -7.20 -2.95
C GLY B 229 -39.21 -7.70 -2.96
N THR B 230 -38.25 -6.83 -2.60
CA THR B 230 -36.83 -7.14 -2.63
C THR B 230 -36.17 -6.99 -1.26
N VAL B 231 -35.40 -8.02 -0.85
CA VAL B 231 -34.62 -7.96 0.39
C VAL B 231 -33.21 -7.52 0.00
N HIS B 232 -32.86 -6.30 0.39
CA HIS B 232 -31.56 -5.65 0.18
C HIS B 232 -31.52 -4.36 0.99
N VAL B 233 -30.32 -3.77 1.15
CA VAL B 233 -30.15 -2.53 1.89
C VAL B 233 -29.57 -1.46 0.95
N PRO B 234 -30.41 -0.77 0.14
CA PRO B 234 -29.88 0.26 -0.76
C PRO B 234 -29.47 1.50 0.04
N TYR B 235 -28.43 2.19 -0.44
CA TYR B 235 -27.87 3.37 0.23
C TYR B 235 -27.12 4.28 -0.74
N SER B 236 -26.94 5.55 -0.34
CA SER B 236 -26.16 6.56 -1.06
C SER B 236 -25.02 6.96 -0.11
N GLN B 237 -23.80 7.04 -0.65
CA GLN B 237 -22.60 7.37 0.12
C GLN B 237 -21.53 7.94 -0.79
N ALA B 238 -20.77 8.92 -0.29
CA ALA B 238 -19.68 9.54 -1.05
C ALA B 238 -18.54 8.52 -1.16
N PRO B 239 -17.97 8.28 -2.38
CA PRO B 239 -16.90 7.27 -2.52
C PRO B 239 -15.65 7.55 -1.67
N SER B 240 -14.85 6.49 -1.41
CA SER B 240 -13.63 6.54 -0.60
C SER B 240 -12.73 7.74 -0.89
N GLY B 241 -12.52 8.55 0.15
CA GLY B 241 -11.67 9.74 0.10
C GLY B 241 -10.21 9.39 -0.07
N PHE B 242 -9.78 8.25 0.50
CA PHE B 242 -8.41 7.75 0.39
C PHE B 242 -8.13 7.28 -1.03
N LYS B 243 -9.09 6.55 -1.66
CA LYS B 243 -9.01 6.09 -3.05
C LYS B 243 -8.96 7.29 -3.98
N TYR B 244 -9.73 8.35 -3.65
CA TYR B 244 -9.78 9.59 -4.40
C TYR B 244 -8.45 10.34 -4.26
N TRP B 245 -7.90 10.43 -3.04
CA TRP B 245 -6.61 11.08 -2.81
C TRP B 245 -5.48 10.37 -3.55
N LEU B 246 -5.48 9.02 -3.58
CA LEU B 246 -4.47 8.22 -4.26
C LEU B 246 -4.29 8.59 -5.73
N LYS B 247 -5.37 8.99 -6.41
CA LYS B 247 -5.34 9.41 -7.82
C LYS B 247 -5.19 10.93 -7.99
N GLU B 248 -5.55 11.72 -6.95
CA GLU B 248 -5.53 13.19 -6.98
C GLU B 248 -4.31 13.83 -6.28
N ARG B 249 -3.50 13.03 -5.57
CA ARG B 249 -2.32 13.49 -4.82
C ARG B 249 -1.30 14.28 -5.62
N GLY B 250 -1.14 13.93 -6.89
CA GLY B 250 -0.15 14.54 -7.77
C GLY B 250 1.23 13.98 -7.49
N ALA B 251 2.27 14.66 -7.98
CA ALA B 251 3.66 14.22 -7.77
C ALA B 251 4.10 14.48 -6.33
N SER B 252 4.83 13.53 -5.74
CA SER B 252 5.34 13.62 -4.37
C SER B 252 6.53 14.60 -4.26
N LEU B 253 6.98 14.89 -3.02
CA LEU B 253 8.09 15.80 -2.74
C LEU B 253 9.41 15.43 -3.45
N GLN B 254 9.66 14.12 -3.67
CA GLN B 254 10.83 13.58 -4.38
C GLN B 254 10.95 14.18 -5.80
N HIS B 255 9.81 14.56 -6.40
CA HIS B 255 9.71 15.12 -7.75
C HIS B 255 9.50 16.63 -7.79
N THR B 256 8.83 17.21 -6.78
CA THR B 256 8.50 18.65 -6.76
C THR B 256 9.43 19.56 -5.95
N ALA B 257 10.15 19.01 -4.95
CA ALA B 257 11.01 19.79 -4.06
C ALA B 257 12.16 20.54 -4.74
N PRO B 258 12.39 21.81 -4.35
CA PRO B 258 13.52 22.57 -4.93
C PRO B 258 14.88 22.04 -4.47
N PHE B 259 15.98 22.59 -5.02
CA PHE B 259 17.38 22.26 -4.69
C PHE B 259 17.80 20.79 -4.91
N GLY B 260 17.05 20.08 -5.76
CA GLY B 260 17.31 18.69 -6.10
C GLY B 260 17.19 17.71 -4.96
N CYS B 261 16.28 17.99 -3.98
CA CYS B 261 16.03 17.15 -2.82
C CYS B 261 15.59 15.75 -3.20
N GLN B 262 16.15 14.74 -2.51
CA GLN B 262 15.77 13.34 -2.66
C GLN B 262 14.94 13.07 -1.40
N ILE B 263 13.77 12.45 -1.54
CA ILE B 263 12.90 12.18 -0.39
C ILE B 263 12.79 10.69 -0.10
N ALA B 264 13.11 10.31 1.15
CA ALA B 264 13.08 8.93 1.62
C ALA B 264 12.15 8.78 2.83
N THR B 265 11.68 7.54 3.09
CA THR B 265 10.81 7.20 4.22
C THR B 265 11.46 6.16 5.12
N ASN B 266 10.88 5.95 6.32
CA ASN B 266 11.34 5.02 7.35
C ASN B 266 12.82 5.24 7.78
N PRO B 267 13.19 6.40 8.40
CA PRO B 267 12.35 7.57 8.74
C PRO B 267 12.22 8.59 7.60
N VAL B 268 11.19 9.46 7.68
CA VAL B 268 10.93 10.52 6.70
C VAL B 268 12.10 11.51 6.76
N ARG B 269 12.78 11.72 5.62
CA ARG B 269 13.95 12.59 5.54
C ARG B 269 14.20 13.19 4.15
N ALA B 270 14.82 14.38 4.12
CA ALA B 270 15.22 15.08 2.89
C ALA B 270 16.72 14.81 2.72
N VAL B 271 17.10 14.20 1.59
CA VAL B 271 18.49 13.82 1.32
C VAL B 271 19.04 14.63 0.15
N ASN B 272 20.26 15.16 0.30
CA ASN B 272 21.03 15.91 -0.70
C ASN B 272 20.36 17.17 -1.27
N CYS B 273 19.79 18.01 -0.39
CA CYS B 273 19.20 19.28 -0.80
C CYS B 273 20.36 20.25 -1.00
N ALA B 274 20.66 20.60 -2.27
CA ALA B 274 21.77 21.48 -2.61
C ALA B 274 21.45 22.96 -2.33
N VAL B 275 21.50 23.33 -1.04
CA VAL B 275 21.21 24.68 -0.57
C VAL B 275 22.24 25.20 0.46
N GLY B 276 22.80 26.36 0.17
CA GLY B 276 23.79 27.03 1.00
C GLY B 276 25.15 26.34 1.05
N ASN B 277 25.91 26.63 2.11
CA ASN B 277 27.24 26.08 2.34
C ASN B 277 27.35 25.37 3.69
N MET B 278 28.48 24.69 3.92
CA MET B 278 28.71 23.94 5.14
C MET B 278 30.12 24.17 5.73
N PRO B 279 30.23 24.85 6.89
CA PRO B 279 31.55 25.04 7.52
C PRO B 279 32.07 23.73 8.11
N ILE B 280 33.38 23.48 7.96
CA ILE B 280 34.04 22.26 8.46
C ILE B 280 35.22 22.65 9.35
N SER B 281 35.26 22.08 10.56
CA SER B 281 36.33 22.27 11.53
C SER B 281 37.01 20.92 11.75
N ILE B 282 38.34 20.85 11.50
CA ILE B 282 39.11 19.62 11.70
C ILE B 282 40.29 19.90 12.63
N ASP B 283 40.29 19.25 13.80
CA ASP B 283 41.37 19.38 14.78
C ASP B 283 42.35 18.23 14.49
N ILE B 284 43.29 18.49 13.57
CA ILE B 284 44.28 17.52 13.11
C ILE B 284 45.36 17.27 14.19
N PRO B 285 45.59 16.00 14.60
CA PRO B 285 46.60 15.73 15.65
C PRO B 285 48.03 16.03 15.23
N GLU B 286 48.90 16.27 16.24
CA GLU B 286 50.32 16.57 16.15
C GLU B 286 51.12 15.57 15.30
N ALA B 287 50.82 14.27 15.46
CA ALA B 287 51.50 13.16 14.77
C ALA B 287 51.29 13.12 13.25
N ALA B 288 50.16 13.65 12.77
CA ALA B 288 49.84 13.69 11.34
C ALA B 288 50.74 14.62 10.55
N PHE B 289 51.31 15.64 11.21
CA PHE B 289 52.18 16.63 10.59
C PHE B 289 53.65 16.21 10.52
N THR B 290 54.35 16.71 9.49
CA THR B 290 55.78 16.49 9.26
C THR B 290 56.42 17.87 9.18
N ARG B 291 57.49 18.10 9.95
CA ARG B 291 58.21 19.37 9.96
C ARG B 291 58.86 19.64 8.59
N VAL B 292 58.98 20.93 8.21
CA VAL B 292 59.57 21.38 6.93
C VAL B 292 60.97 20.76 6.72
N VAL B 293 61.79 20.74 7.79
CA VAL B 293 63.15 20.18 7.82
C VAL B 293 63.09 18.65 7.59
N ASP B 294 62.07 17.97 8.16
CA ASP B 294 61.84 16.53 8.03
C ASP B 294 61.20 16.16 6.69
N ALA B 295 60.73 17.17 5.93
CA ALA B 295 60.10 17.01 4.61
C ALA B 295 61.12 17.32 3.49
N PRO B 296 60.98 16.73 2.28
CA PRO B 296 61.95 17.04 1.21
C PRO B 296 61.92 18.50 0.75
N SER B 297 63.09 19.04 0.38
CA SER B 297 63.22 20.41 -0.12
C SER B 297 63.33 20.37 -1.64
N LEU B 298 62.44 21.11 -2.34
CA LEU B 298 62.38 21.13 -3.79
C LEU B 298 62.93 22.41 -4.41
N THR B 299 63.78 22.25 -5.44
CA THR B 299 64.42 23.33 -6.20
C THR B 299 64.40 22.99 -7.71
N ASP B 300 64.83 23.95 -8.57
CA ASP B 300 64.92 23.84 -10.03
C ASP B 300 63.64 23.28 -10.66
N MET B 301 62.49 23.86 -10.27
CA MET B 301 61.17 23.42 -10.72
C MET B 301 60.72 24.06 -12.03
N SER B 302 60.19 23.22 -12.93
N SER B 302 60.20 23.22 -12.95
CA SER B 302 59.68 23.63 -14.25
CA SER B 302 59.69 23.64 -14.25
C SER B 302 58.38 22.88 -14.55
C SER B 302 58.39 22.88 -14.57
N CYS B 303 57.44 23.55 -15.23
CA CYS B 303 56.13 22.97 -15.57
C CYS B 303 55.81 23.02 -17.07
N GLU B 304 55.36 21.87 -17.61
CA GLU B 304 54.94 21.72 -19.01
C GLU B 304 53.55 21.09 -19.09
N VAL B 305 52.67 21.66 -19.93
CA VAL B 305 51.31 21.19 -20.13
C VAL B 305 51.18 20.62 -21.56
N PRO B 306 51.35 19.28 -21.74
CA PRO B 306 51.26 18.72 -23.10
C PRO B 306 49.85 18.56 -23.63
N ALA B 307 48.83 18.51 -22.74
CA ALA B 307 47.43 18.34 -23.12
C ALA B 307 46.46 19.02 -22.15
N CYS B 308 45.53 19.84 -22.69
CA CYS B 308 44.50 20.52 -21.89
C CYS B 308 43.20 20.76 -22.62
N THR B 309 42.10 20.49 -21.92
CA THR B 309 40.72 20.70 -22.33
C THR B 309 39.99 21.33 -21.15
N HIS B 310 39.46 22.56 -21.34
CA HIS B 310 38.74 23.25 -20.27
C HIS B 310 37.32 22.70 -20.11
N SER B 311 37.10 21.89 -19.05
CA SER B 311 35.82 21.25 -18.76
C SER B 311 35.59 21.11 -17.25
N SER B 312 34.43 20.53 -16.86
CA SER B 312 34.03 20.30 -15.47
C SER B 312 34.93 19.26 -14.77
N ASP B 313 35.46 18.28 -15.55
CA ASP B 313 36.35 17.23 -15.05
C ASP B 313 37.82 17.61 -15.26
N PHE B 314 38.74 16.69 -14.88
CA PHE B 314 40.17 16.89 -15.02
C PHE B 314 40.64 16.64 -16.46
N GLY B 315 40.44 17.66 -17.30
CA GLY B 315 40.81 17.64 -18.71
C GLY B 315 42.21 18.12 -19.02
N GLY B 316 42.93 18.53 -17.98
CA GLY B 316 44.30 19.02 -18.09
C GLY B 316 45.34 18.06 -17.56
N VAL B 317 46.50 17.99 -18.22
CA VAL B 317 47.64 17.15 -17.85
C VAL B 317 48.88 18.05 -17.71
N ALA B 318 49.60 17.95 -16.57
CA ALA B 318 50.81 18.75 -16.34
C ALA B 318 51.98 17.89 -15.85
N ILE B 319 53.16 18.09 -16.46
CA ILE B 319 54.39 17.39 -16.11
C ILE B 319 55.32 18.37 -15.41
N ILE B 320 55.58 18.14 -14.11
CA ILE B 320 56.42 19.01 -13.30
C ILE B 320 57.76 18.35 -12.97
N LYS B 321 58.87 18.97 -13.42
CA LYS B 321 60.23 18.51 -13.16
C LYS B 321 60.72 19.17 -11.88
N TYR B 322 61.53 18.44 -11.08
CA TYR B 322 62.02 18.93 -9.79
C TYR B 322 63.39 18.37 -9.40
N ALA B 323 63.99 18.96 -8.35
CA ALA B 323 65.23 18.52 -7.73
C ALA B 323 64.95 18.45 -6.22
N ALA B 324 64.71 17.23 -5.73
CA ALA B 324 64.40 16.97 -4.32
C ALA B 324 65.65 16.65 -3.51
N SER B 325 65.78 17.24 -2.31
CA SER B 325 66.90 17.05 -1.39
C SER B 325 66.97 15.62 -0.84
N LYS B 326 65.78 15.01 -0.60
CA LYS B 326 65.63 13.64 -0.09
C LYS B 326 64.33 12.99 -0.57
N LYS B 327 64.18 11.66 -0.33
CA LYS B 327 62.98 10.92 -0.69
C LYS B 327 61.90 11.17 0.38
N GLY B 328 60.65 11.23 -0.06
CA GLY B 328 59.51 11.47 0.83
C GLY B 328 58.25 11.87 0.10
N LYS B 329 57.17 12.07 0.87
CA LYS B 329 55.86 12.45 0.35
C LYS B 329 55.68 13.97 0.38
N CYS B 330 55.20 14.53 -0.74
CA CYS B 330 54.94 15.96 -0.89
C CYS B 330 53.48 16.21 -1.23
N ALA B 331 52.87 17.24 -0.63
CA ALA B 331 51.50 17.62 -0.91
C ALA B 331 51.45 18.45 -2.20
N VAL B 332 50.44 18.20 -3.04
CA VAL B 332 50.26 18.89 -4.32
C VAL B 332 49.02 19.80 -4.20
N HIS B 333 49.18 21.10 -4.49
CA HIS B 333 48.06 22.06 -4.40
C HIS B 333 48.18 23.21 -5.38
N SER B 334 47.03 23.61 -5.95
CA SER B 334 46.95 24.74 -6.87
C SER B 334 46.79 26.03 -6.07
N MET B 335 47.69 27.00 -6.33
CA MET B 335 47.70 28.30 -5.67
C MET B 335 46.75 29.31 -6.33
N THR B 336 46.15 28.90 -7.46
CA THR B 336 45.18 29.68 -8.24
C THR B 336 43.82 28.99 -8.07
N ASN B 337 42.81 29.75 -7.61
CA ASN B 337 41.46 29.24 -7.36
C ASN B 337 40.68 28.80 -8.60
N ALA B 338 41.09 29.29 -9.79
CA ALA B 338 40.47 28.97 -11.08
C ALA B 338 40.89 27.58 -11.62
N VAL B 339 41.91 26.96 -10.99
CA VAL B 339 42.46 25.65 -11.37
C VAL B 339 42.46 24.72 -10.13
N THR B 340 42.06 23.46 -10.30
CA THR B 340 42.07 22.46 -9.22
C THR B 340 42.80 21.19 -9.65
N ILE B 341 43.62 20.61 -8.75
CA ILE B 341 44.42 19.41 -9.02
C ILE B 341 43.79 18.17 -8.37
N ARG B 342 43.73 17.05 -9.13
CA ARG B 342 43.19 15.76 -8.72
C ARG B 342 44.04 15.12 -7.61
N GLU B 343 45.38 15.16 -7.77
CA GLU B 343 46.33 14.59 -6.81
C GLU B 343 46.47 15.48 -5.59
N ALA B 344 46.44 14.87 -4.40
CA ALA B 344 46.59 15.54 -3.12
C ALA B 344 48.01 15.33 -2.56
N GLU B 345 48.63 14.17 -2.88
CA GLU B 345 49.95 13.79 -2.40
C GLU B 345 50.67 12.89 -3.41
N ILE B 346 51.97 13.16 -3.67
CA ILE B 346 52.82 12.36 -4.55
C ILE B 346 54.19 12.09 -3.90
N GLU B 347 54.87 11.00 -4.30
CA GLU B 347 56.19 10.64 -3.79
C GLU B 347 57.30 11.27 -4.66
N VAL B 348 58.25 11.98 -4.01
CA VAL B 348 59.38 12.64 -4.67
C VAL B 348 60.73 11.94 -4.40
N GLU B 349 61.69 12.06 -5.34
CA GLU B 349 63.04 11.50 -5.24
C GLU B 349 64.01 12.13 -6.25
N GLY B 350 64.97 12.90 -5.72
CA GLY B 350 66.03 13.58 -6.46
C GLY B 350 65.61 14.35 -7.70
N ASN B 351 66.39 14.20 -8.78
CA ASN B 351 66.15 14.84 -10.07
C ASN B 351 65.20 13.96 -10.90
N SER B 352 63.89 14.14 -10.68
CA SER B 352 62.84 13.39 -11.36
C SER B 352 61.67 14.30 -11.78
N GLN B 353 60.60 13.69 -12.32
CA GLN B 353 59.41 14.41 -12.76
C GLN B 353 58.11 13.79 -12.23
N LEU B 354 57.08 14.62 -12.06
CA LEU B 354 55.75 14.19 -11.58
C LEU B 354 54.66 14.54 -12.59
N GLN B 355 53.61 13.71 -12.65
CA GLN B 355 52.47 13.94 -13.54
C GLN B 355 51.21 14.17 -12.73
N ILE B 356 50.55 15.31 -12.96
CA ILE B 356 49.31 15.69 -12.27
C ILE B 356 48.14 15.91 -13.24
N SER B 357 46.91 15.76 -12.73
CA SER B 357 45.69 15.97 -13.49
C SER B 357 45.01 17.22 -12.91
N PHE B 358 44.63 18.17 -13.79
CA PHE B 358 44.00 19.41 -13.35
C PHE B 358 42.71 19.74 -14.08
N SER B 359 41.81 20.49 -13.41
CA SER B 359 40.53 20.93 -13.95
C SER B 359 40.47 22.47 -13.94
N THR B 360 40.04 23.06 -15.06
CA THR B 360 39.89 24.50 -15.25
C THR B 360 38.80 24.84 -16.27
N ALA B 361 38.24 26.05 -16.18
CA ALA B 361 37.20 26.54 -17.10
C ALA B 361 37.80 27.56 -18.07
N LEU B 362 39.05 28.02 -17.77
CA LEU B 362 39.80 29.02 -18.53
C LEU B 362 40.45 28.43 -19.79
N ALA B 363 40.38 29.19 -20.90
CA ALA B 363 40.99 28.83 -22.19
C ALA B 363 42.50 29.04 -22.12
N SER B 364 42.94 30.07 -21.37
CA SER B 364 44.35 30.40 -21.13
C SER B 364 44.57 30.35 -19.62
N ALA B 365 44.98 29.17 -19.13
CA ALA B 365 45.19 28.92 -17.70
C ALA B 365 46.65 29.08 -17.24
N GLU B 366 46.90 30.15 -16.47
CA GLU B 366 48.20 30.44 -15.88
C GLU B 366 48.04 30.22 -14.38
N PHE B 367 48.67 29.16 -13.86
CA PHE B 367 48.52 28.77 -12.45
C PHE B 367 49.81 28.33 -11.77
N ARG B 368 49.85 28.46 -10.43
CA ARG B 368 50.99 28.06 -9.59
C ARG B 368 50.67 26.77 -8.84
N VAL B 369 51.61 25.82 -8.87
CA VAL B 369 51.47 24.53 -8.19
C VAL B 369 52.48 24.44 -7.05
N GLN B 370 51.99 24.24 -5.82
CA GLN B 370 52.86 24.11 -4.65
C GLN B 370 53.06 22.62 -4.33
N VAL B 371 54.27 22.12 -4.61
CA VAL B 371 54.67 20.74 -4.32
C VAL B 371 55.59 20.89 -3.11
N CYS B 372 55.13 20.39 -1.95
CA CYS B 372 55.76 20.53 -0.63
C CYS B 372 55.74 22.01 -0.24
N SER B 373 56.91 22.67 -0.12
CA SER B 373 56.98 24.10 0.24
C SER B 373 57.49 25.00 -0.91
N THR B 374 57.60 24.45 -2.14
CA THR B 374 58.07 25.20 -3.31
C THR B 374 56.98 25.34 -4.38
N GLN B 375 56.85 26.55 -4.96
CA GLN B 375 55.87 26.86 -6.00
C GLN B 375 56.48 26.84 -7.40
N VAL B 376 55.69 26.37 -8.39
CA VAL B 376 56.07 26.31 -9.80
C VAL B 376 54.95 26.88 -10.68
N HIS B 377 55.31 27.72 -11.66
CA HIS B 377 54.32 28.31 -12.57
C HIS B 377 54.05 27.41 -13.76
N CYS B 378 52.76 27.15 -14.04
CA CYS B 378 52.27 26.33 -15.14
C CYS B 378 51.53 27.21 -16.14
N ALA B 379 51.90 27.12 -17.43
CA ALA B 379 51.27 27.85 -18.52
C ALA B 379 50.50 26.85 -19.38
N ALA B 380 49.18 27.02 -19.48
CA ALA B 380 48.32 26.08 -20.20
C ALA B 380 47.35 26.74 -21.18
N GLU B 381 47.33 26.24 -22.41
CA GLU B 381 46.40 26.65 -23.45
C GLU B 381 45.37 25.52 -23.52
N CYS B 382 44.21 25.75 -22.90
CA CYS B 382 43.16 24.74 -22.84
C CYS B 382 42.11 24.92 -23.92
N HIS B 383 41.72 23.80 -24.55
CA HIS B 383 40.79 23.75 -25.67
C HIS B 383 39.33 23.44 -25.27
N PRO B 384 38.31 23.82 -26.07
CA PRO B 384 36.92 23.54 -25.66
C PRO B 384 36.54 22.06 -25.71
N PRO B 385 35.62 21.60 -24.83
CA PRO B 385 35.21 20.18 -24.89
C PRO B 385 34.15 19.91 -25.96
N LYS B 386 33.81 18.63 -26.20
CA LYS B 386 32.83 18.24 -27.21
C LYS B 386 31.38 18.58 -26.86
N ASP B 387 31.02 18.52 -25.56
CA ASP B 387 29.65 18.76 -25.11
C ASP B 387 29.47 20.02 -24.27
N HIS B 388 28.35 20.73 -24.50
CA HIS B 388 27.94 21.93 -23.78
C HIS B 388 27.30 21.54 -22.44
N ILE B 389 26.76 20.30 -22.36
CA ILE B 389 26.08 19.76 -21.17
C ILE B 389 26.83 18.54 -20.63
N VAL B 390 26.81 18.37 -19.30
CA VAL B 390 27.49 17.28 -18.61
C VAL B 390 26.58 16.58 -17.57
N ASN B 391 26.90 15.31 -17.21
CA ASN B 391 26.12 14.52 -16.26
C ASN B 391 26.76 14.29 -14.87
N TYR B 392 27.62 15.24 -14.43
CA TYR B 392 28.29 15.22 -13.13
C TYR B 392 28.49 16.65 -12.56
N PRO B 393 28.47 16.84 -11.21
CA PRO B 393 28.67 18.19 -10.66
C PRO B 393 30.12 18.45 -10.28
#